data_1Z9O
#
_entry.id   1Z9O
#
_cell.length_a   50.048
_cell.length_b   50.033
_cell.length_c   90.287
_cell.angle_alpha   90.01
_cell.angle_beta   90.00
_cell.angle_gamma   60.03
#
_symmetry.space_group_name_H-M   'P 1'
#
loop_
_entity.id
_entity.type
_entity.pdbx_description
1 polymer 'Vesicle-associated membrane protein-associated protein A'
2 polymer 'Oxysterol binding protein'
3 water water
#
loop_
_entity_poly.entity_id
_entity_poly.type
_entity_poly.pdbx_seq_one_letter_code
_entity_poly.pdbx_strand_id
1 'polypeptide(L)'
;GSHMAKHEQILVLDPPSDLKFKGPFTDVVTTNLKLQNPSDRKVCFKVKTTAPRRYCVRPNSGVIDPGSIVTVSVMLQPFD
YDPNEKSKHKFMVQTIFAPPNISDMEAVWKEAKPDELMDSKLRCVFEM
;
A,B,C,D,E,F
2 'polypeptide(L)' SEDEFYDALS G,H,I,J,K,L
#
# COMPACT_ATOMS: atom_id res chain seq x y z
N GLU A 8 -26.91 -6.89 -0.85
CA GLU A 8 -26.26 -6.94 0.51
C GLU A 8 -24.71 -7.14 0.50
N GLN A 9 -23.98 -6.44 1.37
CA GLN A 9 -22.53 -6.62 1.44
C GLN A 9 -22.10 -8.08 1.72
N ILE A 10 -21.25 -8.60 0.85
CA ILE A 10 -20.80 -9.96 0.90
C ILE A 10 -19.65 -10.11 1.88
N LEU A 11 -18.79 -9.10 1.97
CA LEU A 11 -17.64 -9.15 2.88
C LEU A 11 -18.13 -9.01 4.29
N VAL A 12 -17.41 -9.56 5.23
CA VAL A 12 -17.65 -9.33 6.66
C VAL A 12 -16.55 -8.37 7.16
N LEU A 13 -16.96 -7.29 7.84
CA LEU A 13 -16.09 -6.21 8.32
C LEU A 13 -15.98 -6.25 9.80
N ASP A 14 -14.75 -6.29 10.27
CA ASP A 14 -14.42 -6.04 11.67
C ASP A 14 -13.46 -4.84 11.81
N PRO A 15 -13.94 -3.73 12.43
CA PRO A 15 -15.32 -3.52 12.98
C PRO A 15 -16.40 -3.34 11.90
N PRO A 16 -17.64 -3.74 12.20
CA PRO A 16 -18.67 -3.68 11.16
C PRO A 16 -19.19 -2.19 10.81
N SER A 17 -19.06 -1.23 11.70
CA SER A 17 -19.82 0.00 11.54
C SER A 17 -19.13 1.24 12.17
N ASP A 18 -18.25 1.10 13.16
CA ASP A 18 -17.61 2.27 13.77
C ASP A 18 -16.13 2.01 13.83
N LEU A 19 -15.36 2.98 13.36
CA LEU A 19 -13.89 2.96 13.40
C LEU A 19 -13.44 3.90 14.43
N LYS A 20 -12.71 3.40 15.41
CA LYS A 20 -12.31 4.11 16.55
C LYS A 20 -10.84 4.45 16.44
N PHE A 21 -10.51 5.72 16.75
CA PHE A 21 -9.14 6.24 16.78
C PHE A 21 -8.68 6.80 18.10
N LYS A 22 -7.68 6.19 18.75
CA LYS A 22 -7.24 6.57 20.10
C LYS A 22 -6.09 7.62 20.12
N GLY A 23 -6.36 8.78 20.67
CA GLY A 23 -5.34 9.83 20.82
C GLY A 23 -4.24 9.56 21.88
N PRO A 24 -3.26 10.48 22.07
CA PRO A 24 -3.13 11.79 21.40
C PRO A 24 -3.01 11.76 19.84
N PHE A 25 -3.15 12.94 19.23
CA PHE A 25 -3.24 13.09 17.75
C PHE A 25 -2.18 14.05 17.20
N THR A 26 -1.10 14.18 17.99
CA THR A 26 0.03 15.00 17.62
C THR A 26 0.88 14.18 16.63
N ASP A 27 0.65 12.87 16.61
CA ASP A 27 1.14 11.98 15.58
C ASP A 27 0.05 11.19 14.81
N VAL A 28 0.43 10.51 13.72
CA VAL A 28 -0.46 9.62 13.00
C VAL A 28 -0.94 8.50 13.97
N VAL A 29 -2.23 8.25 13.87
CA VAL A 29 -2.95 7.27 14.62
C VAL A 29 -3.62 6.28 13.60
N THR A 30 -3.32 5.00 13.73
CA THR A 30 -3.81 4.02 12.81
C THR A 30 -4.87 3.18 13.50
N THR A 31 -5.91 2.85 12.77
CA THR A 31 -6.87 1.81 13.11
C THR A 31 -6.97 0.86 11.95
N ASN A 32 -7.29 -0.38 12.27
CA ASN A 32 -7.37 -1.46 11.34
C ASN A 32 -8.79 -1.88 11.01
N LEU A 33 -9.04 -2.10 9.74
CA LEU A 33 -10.28 -2.59 9.29
C LEU A 33 -10.05 -3.94 8.63
N LYS A 34 -10.64 -5.01 9.23
CA LYS A 34 -10.54 -6.38 8.71
C LYS A 34 -11.69 -6.59 7.66
N LEU A 35 -11.34 -7.07 6.50
CA LEU A 35 -12.23 -7.37 5.43
C LEU A 35 -12.07 -8.86 5.15
N GLN A 36 -13.10 -9.63 5.53
CA GLN A 36 -13.10 -11.06 5.37
C GLN A 36 -14.07 -11.41 4.28
N ASN A 37 -13.60 -12.22 3.33
CA ASN A 37 -14.40 -12.80 2.22
C ASN A 37 -14.82 -14.25 2.54
N PRO A 38 -15.97 -14.39 3.15
CA PRO A 38 -16.44 -15.81 3.45
C PRO A 38 -16.96 -16.62 2.23
N SER A 39 -17.09 -15.98 1.09
CA SER A 39 -17.80 -16.50 -0.08
C SER A 39 -16.90 -17.35 -0.95
N ASP A 40 -17.49 -17.89 -2.02
CA ASP A 40 -16.74 -18.81 -2.91
C ASP A 40 -16.21 -18.10 -4.13
N ARG A 41 -16.14 -16.77 -4.10
CA ARG A 41 -15.78 -16.01 -5.28
C ARG A 41 -14.82 -14.88 -4.88
N LYS A 42 -13.98 -14.43 -5.80
CA LYS A 42 -13.08 -13.31 -5.46
C LYS A 42 -13.98 -12.09 -5.35
N VAL A 43 -13.56 -11.17 -4.48
CA VAL A 43 -14.29 -9.93 -4.25
C VAL A 43 -13.30 -8.74 -4.35
N CYS A 44 -13.66 -7.78 -5.19
CA CYS A 44 -12.93 -6.51 -5.33
C CYS A 44 -13.46 -5.49 -4.40
N PHE A 45 -12.57 -4.68 -3.88
CA PHE A 45 -12.94 -3.58 -2.91
C PHE A 45 -12.14 -2.25 -3.20
N LYS A 46 -12.81 -1.18 -2.86
CA LYS A 46 -12.28 0.21 -2.92
C LYS A 46 -12.85 0.93 -1.69
N VAL A 47 -11.97 1.73 -1.10
CA VAL A 47 -12.31 2.52 0.06
C VAL A 47 -12.44 4.01 -0.34
N LYS A 48 -13.47 4.61 0.19
CA LYS A 48 -13.82 6.01 0.01
C LYS A 48 -14.12 6.62 1.45
N THR A 49 -13.95 7.96 1.48
CA THR A 49 -14.08 8.77 2.62
C THR A 49 -14.63 10.13 2.31
N THR A 50 -15.33 10.65 3.29
CA THR A 50 -15.92 11.95 3.26
C THR A 50 -14.83 13.00 3.54
N ALA A 51 -13.69 12.53 4.05
CA ALA A 51 -12.56 13.46 4.45
C ALA A 51 -11.21 12.93 3.87
N PRO A 52 -11.08 12.88 2.52
CA PRO A 52 -9.88 12.33 1.85
C PRO A 52 -8.50 12.97 2.24
N ARG A 53 -8.46 14.28 2.59
CA ARG A 53 -7.19 14.93 3.06
C ARG A 53 -6.77 14.51 4.44
N ARG A 54 -7.68 13.92 5.21
CA ARG A 54 -7.43 13.68 6.65
C ARG A 54 -6.89 12.28 6.94
N TYR A 55 -6.85 11.43 5.93
CA TYR A 55 -6.57 10.03 6.08
C TYR A 55 -5.67 9.52 4.96
N CYS A 56 -4.77 8.58 5.32
N CYS A 56 -4.98 8.45 5.31
CA CYS A 56 -4.13 7.66 4.36
CA CYS A 56 -4.23 7.66 4.40
C CYS A 56 -4.73 6.25 4.58
C CYS A 56 -4.72 6.23 4.60
N VAL A 57 -5.07 5.56 3.50
CA VAL A 57 -5.66 4.22 3.62
C VAL A 57 -4.84 3.28 2.84
N ARG A 58 -4.33 2.21 3.48
CA ARG A 58 -3.40 1.34 2.75
C ARG A 58 -3.77 -0.14 3.06
N PRO A 59 -4.17 -0.92 2.05
CA PRO A 59 -4.40 -0.55 0.63
C PRO A 59 -5.74 0.24 0.52
N ASN A 60 -5.86 1.09 -0.48
CA ASN A 60 -7.13 1.76 -0.67
C ASN A 60 -8.08 0.99 -1.62
N SER A 61 -7.59 -0.10 -2.18
CA SER A 61 -8.42 -1.00 -3.02
C SER A 61 -7.67 -2.35 -3.12
N GLY A 62 -8.35 -3.37 -3.59
CA GLY A 62 -7.65 -4.63 -3.88
C GLY A 62 -8.65 -5.72 -4.12
N VAL A 63 -8.16 -6.94 -4.07
CA VAL A 63 -9.01 -8.09 -4.34
C VAL A 63 -8.77 -9.07 -3.25
N ILE A 64 -9.86 -9.70 -2.83
CA ILE A 64 -9.82 -10.64 -1.72
C ILE A 64 -10.33 -11.99 -2.26
N ASP A 65 -9.42 -12.96 -2.21
CA ASP A 65 -9.67 -14.34 -2.63
C ASP A 65 -10.79 -14.99 -1.83
N PRO A 66 -11.51 -15.96 -2.45
CA PRO A 66 -12.48 -16.64 -1.66
C PRO A 66 -11.81 -17.20 -0.46
N GLY A 67 -12.48 -17.03 0.68
CA GLY A 67 -11.98 -17.53 1.94
C GLY A 67 -11.02 -16.67 2.73
N SER A 68 -10.53 -15.61 2.10
CA SER A 68 -9.38 -14.91 2.63
C SER A 68 -9.83 -13.65 3.38
N ILE A 69 -8.83 -13.01 3.98
CA ILE A 69 -8.97 -11.84 4.80
C ILE A 69 -7.83 -10.77 4.52
N VAL A 70 -8.20 -9.55 4.36
CA VAL A 70 -7.20 -8.48 4.18
C VAL A 70 -7.45 -7.46 5.25
N THR A 71 -6.38 -6.98 5.93
CA THR A 71 -6.60 -5.97 6.94
C THR A 71 -6.14 -4.63 6.39
N VAL A 72 -7.03 -3.64 6.39
CA VAL A 72 -6.76 -2.34 5.76
C VAL A 72 -6.34 -1.39 6.90
N SER A 73 -5.24 -0.65 6.67
CA SER A 73 -4.74 0.26 7.63
C SER A 73 -5.28 1.69 7.35
N VAL A 74 -5.93 2.28 8.36
CA VAL A 74 -6.58 3.64 8.22
C VAL A 74 -5.80 4.55 9.13
N MET A 75 -5.04 5.47 8.54
CA MET A 75 -4.09 6.35 9.16
C MET A 75 -4.60 7.75 9.21
N LEU A 76 -5.04 8.12 10.41
CA LEU A 76 -5.53 9.47 10.69
C LEU A 76 -4.34 10.40 10.88
N GLN A 77 -4.31 11.42 10.04
CA GLN A 77 -3.25 12.36 9.96
C GLN A 77 -3.30 13.29 11.19
N PRO A 78 -2.13 13.78 11.60
CA PRO A 78 -2.12 14.65 12.84
C PRO A 78 -2.91 15.92 12.70
N PHE A 79 -3.48 16.32 13.82
CA PHE A 79 -4.32 17.52 13.90
C PHE A 79 -4.50 17.96 15.37
N ASP A 80 -4.84 19.23 15.54
CA ASP A 80 -5.39 19.80 16.84
C ASP A 80 -6.81 19.27 17.23
N TYR A 81 -6.85 18.29 18.12
CA TYR A 81 -8.05 17.51 18.56
C TYR A 81 -8.97 18.35 19.49
N ASP A 82 -10.25 18.54 19.12
CA ASP A 82 -11.23 19.20 20.02
C ASP A 82 -12.10 18.11 20.60
N PRO A 83 -11.86 17.81 21.90
CA PRO A 83 -12.53 16.70 22.50
C PRO A 83 -14.00 16.93 22.48
N ASN A 84 -14.42 18.18 22.31
CA ASN A 84 -15.82 18.58 22.21
C ASN A 84 -16.49 18.52 20.82
N GLU A 85 -15.72 18.25 19.77
CA GLU A 85 -16.28 18.26 18.42
C GLU A 85 -16.48 16.80 18.13
N LYS A 86 -17.68 16.29 17.86
CA LYS A 86 -17.59 14.87 17.50
C LYS A 86 -17.48 14.61 16.02
N SER A 87 -16.80 13.57 15.61
CA SER A 87 -16.36 13.44 14.19
C SER A 87 -17.63 13.17 13.40
N LYS A 88 -17.63 13.78 12.25
CA LYS A 88 -18.63 13.65 11.20
C LYS A 88 -18.05 12.78 10.09
N HIS A 89 -16.82 12.34 10.25
CA HIS A 89 -16.20 11.60 9.11
C HIS A 89 -16.82 10.25 8.93
N LYS A 90 -16.92 9.81 7.67
CA LYS A 90 -17.36 8.45 7.36
C LYS A 90 -16.46 7.85 6.31
N PHE A 91 -16.52 6.53 6.27
CA PHE A 91 -15.88 5.68 5.29
C PHE A 91 -16.92 4.76 4.62
N MET A 92 -16.59 4.37 3.40
CA MET A 92 -17.33 3.50 2.64
C MET A 92 -16.38 2.49 2.06
N VAL A 93 -16.74 1.21 2.18
CA VAL A 93 -16.07 0.13 1.54
C VAL A 93 -17.04 -0.42 0.47
N GLN A 94 -16.67 -0.15 -0.75
CA GLN A 94 -17.48 -0.60 -1.89
C GLN A 94 -16.91 -1.81 -2.44
N THR A 95 -17.77 -2.77 -2.77
CA THR A 95 -17.32 -4.07 -3.24
C THR A 95 -18.16 -4.59 -4.45
N ILE A 96 -17.56 -5.50 -5.17
CA ILE A 96 -18.16 -6.12 -6.31
C ILE A 96 -17.51 -7.52 -6.45
N PHE A 97 -18.27 -8.48 -6.96
CA PHE A 97 -17.62 -9.76 -7.17
C PHE A 97 -16.64 -9.59 -8.29
N ALA A 98 -15.52 -10.24 -8.12
CA ALA A 98 -14.47 -10.15 -9.15
C ALA A 98 -14.80 -10.83 -10.49
N PRO A 99 -14.68 -10.07 -11.59
CA PRO A 99 -14.79 -10.57 -12.94
C PRO A 99 -13.52 -11.31 -13.31
N PRO A 100 -13.51 -11.99 -14.48
CA PRO A 100 -12.41 -12.94 -14.72
C PRO A 100 -11.05 -12.35 -14.71
N SER A 103 -7.21 -8.36 -16.92
CA SER A 103 -6.16 -7.32 -16.83
C SER A 103 -6.25 -6.24 -15.79
N ASP A 104 -7.30 -5.39 -15.84
CA ASP A 104 -7.21 -4.01 -15.32
C ASP A 104 -8.37 -3.60 -14.41
N MET A 105 -8.06 -3.03 -13.25
CA MET A 105 -9.04 -2.64 -12.25
C MET A 105 -9.82 -1.37 -12.51
N GLU A 106 -9.24 -0.46 -13.25
CA GLU A 106 -10.00 0.62 -13.83
C GLU A 106 -11.15 0.10 -14.67
N ALA A 107 -10.84 -0.70 -15.67
CA ALA A 107 -11.86 -1.33 -16.52
C ALA A 107 -12.98 -2.05 -15.74
N VAL A 108 -12.61 -2.57 -14.58
CA VAL A 108 -13.47 -3.30 -13.64
C VAL A 108 -14.51 -2.41 -12.98
N TRP A 109 -14.07 -1.31 -12.40
CA TRP A 109 -15.00 -0.38 -11.84
C TRP A 109 -15.83 0.34 -12.90
N LYS A 110 -15.39 0.55 -14.13
CA LYS A 110 -16.24 1.37 -14.99
C LYS A 110 -17.32 0.53 -15.60
N GLU A 111 -17.01 -0.77 -15.75
CA GLU A 111 -17.92 -1.77 -16.29
C GLU A 111 -18.98 -2.20 -15.27
N ALA A 112 -18.78 -1.92 -13.98
CA ALA A 112 -19.70 -2.34 -12.89
C ALA A 112 -21.14 -1.74 -12.94
N LYS A 113 -22.17 -2.58 -12.90
CA LYS A 113 -23.58 -2.14 -13.01
C LYS A 113 -23.97 -1.73 -11.60
N PRO A 114 -24.86 -0.72 -11.45
CA PRO A 114 -25.02 -0.25 -10.06
C PRO A 114 -25.67 -1.35 -9.18
N ASP A 115 -26.47 -2.20 -9.81
CA ASP A 115 -27.02 -3.39 -9.12
C ASP A 115 -25.98 -4.36 -8.57
N GLU A 116 -24.75 -4.30 -9.07
CA GLU A 116 -23.67 -5.22 -8.67
C GLU A 116 -22.91 -4.78 -7.46
N LEU A 117 -23.08 -3.51 -7.13
CA LEU A 117 -22.20 -2.87 -6.21
C LEU A 117 -22.79 -3.01 -4.85
N MET A 118 -21.91 -3.27 -3.93
CA MET A 118 -22.24 -3.44 -2.54
C MET A 118 -21.43 -2.39 -1.78
N ASP A 119 -21.99 -1.87 -0.70
CA ASP A 119 -21.34 -0.76 0.12
C ASP A 119 -21.49 -1.16 1.51
N SER A 120 -20.50 -0.87 2.30
CA SER A 120 -20.63 -0.79 3.70
C SER A 120 -20.18 0.60 4.08
N LYS A 121 -20.84 1.22 5.05
CA LYS A 121 -20.45 2.53 5.59
C LYS A 121 -20.02 2.33 7.05
N LEU A 122 -19.01 3.06 7.42
CA LEU A 122 -18.50 3.14 8.76
C LEU A 122 -18.38 4.58 9.14
N ARG A 123 -18.72 4.81 10.40
CA ARG A 123 -18.65 6.10 11.04
C ARG A 123 -17.30 6.10 11.77
N CYS A 124 -16.52 7.20 11.68
CA CYS A 124 -15.30 7.36 12.52
C CYS A 124 -15.67 7.88 13.89
N VAL A 125 -14.88 7.42 14.88
CA VAL A 125 -15.04 7.81 16.30
C VAL A 125 -13.67 8.09 16.91
N PHE A 126 -13.53 9.28 17.48
CA PHE A 126 -12.32 9.71 18.16
C PHE A 126 -12.52 9.62 19.73
N GLU A 127 -11.70 8.78 20.36
CA GLU A 127 -11.62 8.56 21.86
C GLU A 127 -10.27 9.11 22.35
N MET A 128 -10.20 9.48 23.63
CA MET A 128 -8.91 9.78 24.29
C MET A 128 -8.63 8.85 25.48
N GLU B 8 26.82 7.09 1.83
CA GLU B 8 25.95 7.36 3.03
C GLU B 8 24.43 7.55 2.73
N GLN B 9 23.55 7.11 3.65
CA GLN B 9 22.10 7.30 3.45
C GLN B 9 21.70 8.80 3.20
N ILE B 10 21.07 9.03 2.05
CA ILE B 10 20.58 10.33 1.62
C ILE B 10 19.28 10.72 2.27
N LEU B 11 18.41 9.74 2.56
CA LEU B 11 17.15 10.05 3.17
C LEU B 11 17.41 10.29 4.63
N VAL B 12 16.55 11.03 5.28
CA VAL B 12 16.52 11.24 6.72
C VAL B 12 15.28 10.48 7.27
N LEU B 13 15.52 9.63 8.29
CA LEU B 13 14.52 8.68 8.87
C LEU B 13 14.15 9.16 10.22
N ASP B 14 12.87 9.35 10.43
CA ASP B 14 12.33 9.51 11.80
C ASP B 14 11.36 8.34 12.05
N PRO B 15 11.72 7.42 12.98
CA PRO B 15 12.97 7.48 13.81
C PRO B 15 14.23 7.03 13.04
N PRO B 16 15.39 7.54 13.46
CA PRO B 16 16.60 7.20 12.68
C PRO B 16 17.09 5.71 12.90
N SER B 17 16.73 5.06 14.00
CA SER B 17 17.43 3.81 14.27
C SER B 17 16.67 2.73 15.12
N ASP B 18 15.64 3.09 15.87
CA ASP B 18 14.91 2.09 16.63
C ASP B 18 13.48 2.38 16.31
N LEU B 19 12.75 1.32 15.97
CA LEU B 19 11.29 1.36 15.82
C LEU B 19 10.62 0.73 17.00
N LYS B 20 9.74 1.49 17.66
CA LYS B 20 9.19 1.12 18.93
C LYS B 20 7.77 0.71 18.65
N PHE B 21 7.38 -0.46 19.19
CA PHE B 21 5.99 -0.96 19.19
C PHE B 21 5.32 -1.14 20.55
N LYS B 22 4.26 -0.36 20.82
CA LYS B 22 3.52 -0.37 22.08
C LYS B 22 2.35 -1.38 22.15
N GLY B 23 2.44 -2.31 23.10
CA GLY B 23 1.36 -3.27 23.43
C GLY B 23 0.05 -2.75 24.11
N PRO B 24 -0.94 -3.63 24.34
CA PRO B 24 -0.86 -5.08 24.13
C PRO B 24 -0.67 -5.51 22.64
N PHE B 25 -0.45 -6.81 22.42
CA PHE B 25 -0.16 -7.38 21.07
C PHE B 25 -1.12 -8.53 20.63
N THR B 26 -2.34 -8.43 21.15
CA THR B 26 -3.43 -9.36 20.85
C THR B 26 -4.12 -8.86 19.55
N ASP B 27 -3.80 -7.63 19.15
CA ASP B 27 -4.20 -7.06 17.85
C ASP B 27 -2.97 -6.46 17.15
N VAL B 28 -3.13 -6.16 15.86
CA VAL B 28 -2.09 -5.49 15.07
C VAL B 28 -1.71 -4.14 15.74
N VAL B 29 -0.42 -3.91 15.82
CA VAL B 29 0.16 -2.74 16.37
C VAL B 29 1.02 -2.05 15.27
N THR B 30 0.71 -0.80 14.93
CA THR B 30 1.45 -0.11 13.89
C THR B 30 2.39 0.87 14.50
N THR B 31 3.54 1.03 13.89
CA THR B 31 4.43 2.14 14.11
C THR B 31 4.77 2.76 12.77
N ASN B 32 5.08 4.05 12.79
CA ASN B 32 5.38 4.79 11.58
C ASN B 32 6.85 5.13 11.37
N LEU B 33 7.27 5.02 10.14
CA LEU B 33 8.58 5.38 9.75
C LEU B 33 8.49 6.49 8.70
N LYS B 34 9.01 7.67 9.08
CA LYS B 34 9.01 8.83 8.19
C LYS B 34 10.32 8.82 7.36
N LEU B 35 10.18 8.94 6.06
CA LEU B 35 11.28 8.95 5.10
C LEU B 35 11.23 10.31 4.40
N GLN B 36 12.16 11.18 4.76
CA GLN B 36 12.25 12.51 4.14
C GLN B 36 13.43 12.52 3.18
N ASN B 37 13.17 13.02 1.96
CA ASN B 37 14.17 13.24 0.89
C ASN B 37 14.53 14.73 0.89
N PRO B 38 15.60 15.04 1.61
CA PRO B 38 16.03 16.45 1.59
C PRO B 38 16.76 16.91 0.31
N SER B 39 17.07 15.99 -0.58
CA SER B 39 18.00 16.22 -1.70
C SER B 39 17.29 16.76 -2.93
N ASP B 40 18.06 17.02 -4.00
CA ASP B 40 17.49 17.65 -5.24
C ASP B 40 17.12 16.60 -6.29
N ARG B 41 17.07 15.33 -5.88
CA ARG B 41 16.86 14.22 -6.79
C ARG B 41 15.79 13.26 -6.25
N LYS B 42 15.09 12.55 -7.13
CA LYS B 42 14.16 11.50 -6.69
C LYS B 42 15.03 10.38 -6.11
N VAL B 43 14.47 9.74 -5.11
CA VAL B 43 15.05 8.63 -4.41
C VAL B 43 14.08 7.46 -4.30
N CYS B 44 14.56 6.29 -4.75
CA CYS B 44 13.84 4.99 -4.66
C CYS B 44 14.16 4.32 -3.37
N PHE B 45 13.17 3.67 -2.79
CA PHE B 45 13.31 2.92 -1.49
C PHE B 45 12.60 1.55 -1.55
N LYS B 46 13.17 0.62 -0.82
CA LYS B 46 12.65 -0.72 -0.57
C LYS B 46 12.95 -1.03 0.93
N VAL B 47 11.98 -1.67 1.55
CA VAL B 47 12.05 -2.06 2.95
C VAL B 47 12.19 -3.62 3.01
N LYS B 48 13.18 -4.01 3.81
CA LYS B 48 13.46 -5.35 4.08
C LYS B 48 13.50 -5.53 5.68
N THR B 49 13.33 -6.81 6.05
CA THR B 49 13.23 -7.33 7.38
C THR B 49 13.74 -8.68 7.62
N THR B 50 14.25 -8.89 8.82
CA THR B 50 14.79 -10.11 9.25
C THR B 50 13.65 -11.07 9.60
N ALA B 51 12.48 -10.48 9.77
CA ALA B 51 11.26 -11.30 10.21
C ALA B 51 10.03 -11.00 9.29
N PRO B 52 10.15 -11.34 7.99
CA PRO B 52 9.09 -11.06 6.99
C PRO B 52 7.65 -11.56 7.27
N ARG B 53 7.52 -12.73 7.93
CA ARG B 53 6.17 -13.26 8.34
C ARG B 53 5.53 -12.46 9.48
N ARG B 54 6.31 -11.65 10.19
CA ARG B 54 5.82 -11.04 11.40
C ARG B 54 5.25 -9.62 11.22
N TYR B 55 5.44 -9.06 10.02
CA TYR B 55 5.11 -7.68 9.74
C TYR B 55 4.45 -7.55 8.36
N CYS B 56 3.57 -6.55 8.26
N CYS B 56 3.70 -6.46 8.25
CA CYS B 56 3.11 -5.98 6.97
CA CYS B 56 3.16 -5.99 7.02
C CYS B 56 3.71 -4.57 6.90
C CYS B 56 3.68 -4.55 6.90
N VAL B 57 4.23 -4.20 5.73
CA VAL B 57 4.81 -2.88 5.60
C VAL B 57 4.17 -2.24 4.41
N ARG B 58 3.60 -1.04 4.62
CA ARG B 58 2.83 -0.40 3.60
C ARG B 58 3.21 1.12 3.50
N PRO B 59 3.75 1.55 2.40
CA PRO B 59 4.19 0.80 1.18
C PRO B 59 5.53 0.09 1.54
N ASN B 60 5.78 -1.03 0.88
CA ASN B 60 7.08 -1.69 1.16
C ASN B 60 8.17 -1.21 0.18
N SER B 61 7.80 -0.34 -0.72
CA SER B 61 8.77 0.31 -1.65
C SER B 61 8.13 1.53 -2.28
N GLY B 62 8.94 2.33 -2.92
CA GLY B 62 8.38 3.48 -3.66
C GLY B 62 9.41 4.50 -4.02
N VAL B 63 8.94 5.69 -4.38
CA VAL B 63 9.85 6.71 -4.88
C VAL B 63 9.47 7.98 -4.14
N ILE B 64 10.49 8.72 -3.74
CA ILE B 64 10.27 9.93 -2.95
C ILE B 64 10.88 11.11 -3.75
N ASP B 65 9.98 12.00 -4.17
CA ASP B 65 10.28 13.20 -5.00
C ASP B 65 11.26 14.11 -4.26
N PRO B 66 12.09 14.93 -4.98
CA PRO B 66 12.94 15.78 -4.19
C PRO B 66 12.10 16.63 -3.28
N GLY B 67 12.61 16.84 -2.07
CA GLY B 67 11.95 17.68 -1.06
C GLY B 67 10.86 17.06 -0.22
N SER B 68 10.43 15.85 -0.61
CA SER B 68 9.15 15.29 -0.18
C SER B 68 9.34 14.32 0.98
N ILE B 69 8.25 13.80 1.48
CA ILE B 69 8.26 12.94 2.64
C ILE B 69 7.17 11.81 2.47
N VAL B 70 7.55 10.60 2.77
CA VAL B 70 6.62 9.49 2.77
C VAL B 70 6.69 8.80 4.13
N THR B 71 5.50 8.48 4.69
CA THR B 71 5.45 7.82 5.96
C THR B 71 5.03 6.37 5.72
N VAL B 72 5.88 5.46 6.17
CA VAL B 72 5.72 4.01 5.90
C VAL B 72 5.08 3.44 7.16
N SER B 73 3.98 2.67 6.98
CA SER B 73 3.35 2.04 8.08
C SER B 73 3.88 0.59 8.32
N VAL B 74 4.37 0.34 9.54
CA VAL B 74 4.97 -0.97 9.91
C VAL B 74 4.01 -1.59 10.91
N MET B 75 3.38 -2.66 10.48
CA MET B 75 2.32 -3.36 11.15
C MET B 75 2.76 -4.70 11.69
N LEU B 76 2.97 -4.69 12.99
CA LEU B 76 3.30 -5.91 13.75
C LEU B 76 2.08 -6.75 13.99
N GLN B 77 2.15 -7.94 13.44
CA GLN B 77 1.19 -8.96 13.51
C GLN B 77 1.01 -9.49 14.93
N PRO B 78 -0.23 -9.91 15.27
CA PRO B 78 -0.45 -10.30 16.69
C PRO B 78 0.27 -11.54 17.05
N PHE B 79 0.64 -11.60 18.32
CA PHE B 79 1.40 -12.69 18.87
C PHE B 79 1.29 -12.71 20.42
N ASP B 80 1.62 -13.86 20.95
CA ASP B 80 1.92 -14.09 22.42
C ASP B 80 3.26 -13.40 22.89
N TYR B 81 3.17 -12.22 23.48
CA TYR B 81 4.31 -11.32 23.88
C TYR B 81 5.03 -11.82 25.15
N ASP B 82 6.34 -12.01 25.09
CA ASP B 82 7.13 -12.39 26.29
C ASP B 82 7.91 -11.19 26.67
N PRO B 83 7.46 -10.54 27.77
CA PRO B 83 8.07 -9.30 28.14
C PRO B 83 9.51 -9.48 28.47
N ASN B 84 9.89 -10.75 28.77
CA ASN B 84 11.29 -11.14 29.03
C ASN B 84 12.20 -11.45 27.80
N GLU B 85 11.61 -11.55 26.61
CA GLU B 85 12.32 -11.85 25.35
C GLU B 85 12.64 -10.55 24.71
N LYS B 86 13.89 -10.13 24.53
CA LYS B 86 13.92 -8.85 23.81
C LYS B 86 14.05 -9.02 22.28
N SER B 87 13.48 -8.14 21.50
CA SER B 87 13.29 -8.42 20.03
C SER B 87 14.70 -8.40 19.45
N LYS B 88 14.86 -9.30 18.52
CA LYS B 88 16.00 -9.45 17.65
C LYS B 88 15.67 -8.92 16.25
N HIS B 89 14.44 -8.48 16.06
CA HIS B 89 14.06 -8.09 14.68
C HIS B 89 14.75 -6.84 14.22
N LYS B 90 15.07 -6.78 12.93
CA LYS B 90 15.59 -5.57 12.33
C LYS B 90 14.96 -5.32 11.01
N PHE B 91 15.05 -4.08 10.60
CA PHE B 91 14.59 -3.61 9.32
C PHE B 91 15.77 -2.90 8.63
N MET B 92 15.67 -2.86 7.30
CA MET B 92 16.58 -2.23 6.47
C MET B 92 15.77 -1.44 5.46
N VAL B 93 16.08 -0.16 5.37
CA VAL B 93 15.60 0.69 4.32
C VAL B 93 16.72 0.92 3.28
N GLN B 94 16.51 0.40 2.11
CA GLN B 94 17.53 0.40 1.07
C GLN B 94 17.16 1.43 0.08
N THR B 95 18.12 2.25 -0.34
CA THR B 95 17.77 3.37 -1.22
C THR B 95 18.77 3.55 -2.33
N ILE B 96 18.29 4.23 -3.36
CA ILE B 96 19.09 4.54 -4.53
C ILE B 96 18.52 5.83 -5.17
N PHE B 97 19.39 6.62 -5.79
CA PHE B 97 18.82 7.79 -6.46
C PHE B 97 18.06 7.29 -7.63
N ALA B 98 16.92 7.93 -7.89
CA ALA B 98 16.09 7.53 -9.00
C ALA B 98 16.70 7.77 -10.40
N PRO B 99 16.69 6.72 -11.24
CA PRO B 99 17.06 6.86 -12.62
C PRO B 99 15.91 7.44 -13.42
N PRO B 100 16.14 7.74 -14.70
CA PRO B 100 15.16 8.52 -15.46
C PRO B 100 13.79 7.93 -15.54
N SER B 103 10.29 3.28 -17.07
CA SER B 103 9.13 2.38 -16.93
C SER B 103 9.03 1.60 -15.61
N ASP B 104 10.04 0.81 -15.26
CA ASP B 104 9.85 -0.35 -14.37
C ASP B 104 10.84 -0.43 -13.21
N MET B 105 10.33 -0.64 -11.99
CA MET B 105 11.16 -0.73 -10.78
C MET B 105 11.96 -2.01 -10.56
N GLU B 106 11.45 -3.12 -11.04
CA GLU B 106 12.24 -4.34 -11.14
C GLU B 106 13.53 -4.05 -11.89
N ALA B 107 13.41 -3.53 -13.11
CA ALA B 107 14.57 -3.14 -13.91
C ALA B 107 15.52 -2.20 -13.16
N VAL B 108 14.96 -1.33 -12.35
CA VAL B 108 15.68 -0.35 -11.51
C VAL B 108 16.58 -1.01 -10.43
N TRP B 109 16.02 -1.94 -9.68
CA TRP B 109 16.81 -2.66 -8.73
C TRP B 109 17.85 -3.61 -9.36
N LYS B 110 17.55 -4.27 -10.47
CA LYS B 110 18.55 -5.20 -11.00
C LYS B 110 19.73 -4.49 -11.64
N GLU B 111 19.51 -3.25 -12.11
CA GLU B 111 20.55 -2.46 -12.74
C GLU B 111 21.42 -1.72 -11.71
N ALA B 112 20.95 -1.58 -10.48
CA ALA B 112 21.68 -0.87 -9.41
C ALA B 112 23.10 -1.45 -9.12
N LYS B 113 24.13 -0.61 -9.11
CA LYS B 113 25.51 -1.06 -8.82
C LYS B 113 25.64 -1.06 -7.29
N PRO B 114 26.43 -2.00 -6.70
CA PRO B 114 26.33 -2.03 -5.23
C PRO B 114 26.88 -0.69 -4.62
N ASP B 115 27.74 -0.02 -5.38
CA ASP B 115 28.24 1.30 -4.98
C ASP B 115 27.18 2.40 -4.89
N GLU B 116 26.05 2.22 -5.55
CA GLU B 116 24.96 3.19 -5.63
C GLU B 116 24.00 3.10 -4.47
N LEU B 117 24.06 2.00 -3.73
CA LEU B 117 22.99 1.62 -2.85
C LEU B 117 23.34 2.17 -1.51
N MET B 118 22.32 2.57 -0.78
CA MET B 118 22.45 3.16 0.53
C MET B 118 21.51 2.36 1.39
N ASP B 119 21.84 2.14 2.66
CA ASP B 119 20.93 1.29 3.56
C ASP B 119 20.86 2.10 4.76
N SER B 120 19.76 2.04 5.43
CA SER B 120 19.67 2.30 6.80
C SER B 120 19.15 1.04 7.47
N LYS B 121 19.57 0.81 8.69
CA LYS B 121 19.09 -0.30 9.51
C LYS B 121 18.42 0.28 10.74
N LEU B 122 17.34 -0.34 11.12
CA LEU B 122 16.68 -0.06 12.34
C LEU B 122 16.45 -1.32 13.11
N ARG B 123 16.52 -1.15 14.40
CA ARG B 123 16.28 -2.19 15.39
C ARG B 123 14.82 -2.03 15.80
N CYS B 124 14.06 -3.12 15.94
CA CYS B 124 12.70 -3.06 16.54
C CYS B 124 12.83 -3.18 18.03
N VAL B 125 11.92 -2.46 18.75
CA VAL B 125 11.80 -2.47 20.21
C VAL B 125 10.33 -2.61 20.60
N PHE B 126 10.07 -3.64 21.42
CA PHE B 126 8.74 -3.86 22.01
C PHE B 126 8.66 -3.34 23.50
N GLU B 127 7.71 -2.43 23.73
CA GLU B 127 7.44 -1.78 25.06
C GLU B 127 5.99 -2.12 25.44
N MET B 128 5.66 -2.06 26.72
CA MET B 128 4.27 -2.21 27.19
C MET B 128 3.83 -0.97 27.94
N GLU C 8 -20.32 8.83 -26.80
CA GLU C 8 -19.32 9.95 -27.00
C GLU C 8 -19.45 11.19 -26.02
N GLN C 9 -18.31 11.80 -25.62
CA GLN C 9 -18.39 13.02 -24.78
C GLN C 9 -19.27 14.13 -25.41
N ILE C 10 -20.30 14.51 -24.66
CA ILE C 10 -21.26 15.55 -25.01
C ILE C 10 -20.78 16.96 -24.81
N LEU C 11 -19.99 17.18 -23.76
CA LEU C 11 -19.44 18.49 -23.46
C LEU C 11 -18.35 18.76 -24.47
N VAL C 12 -18.10 20.03 -24.72
CA VAL C 12 -16.96 20.50 -25.49
C VAL C 12 -15.95 21.13 -24.48
N LEU C 13 -14.69 20.65 -24.53
CA LEU C 13 -13.64 21.03 -23.58
C LEU C 13 -12.64 21.85 -24.32
N ASP C 14 -12.32 22.98 -23.75
CA ASP C 14 -11.20 23.80 -24.14
C ASP C 14 -10.26 24.01 -22.96
N PRO C 15 -9.03 23.47 -23.05
CA PRO C 15 -8.47 22.66 -24.15
C PRO C 15 -9.05 21.23 -24.26
N PRO C 16 -9.11 20.67 -25.48
CA PRO C 16 -9.78 19.38 -25.61
C PRO C 16 -8.92 18.15 -25.07
N SER C 17 -7.61 18.27 -24.95
CA SER C 17 -6.81 17.08 -24.66
C SER C 17 -5.47 17.26 -23.92
N ASP C 18 -4.91 18.47 -23.84
CA ASP C 18 -3.66 18.68 -23.15
C ASP C 18 -3.86 19.88 -22.27
N LEU C 19 -3.51 19.76 -20.98
CA LEU C 19 -3.57 20.88 -20.02
C LEU C 19 -2.20 21.33 -19.75
N LYS C 20 -1.87 22.56 -20.14
CA LYS C 20 -0.57 23.10 -19.99
C LYS C 20 -0.45 23.89 -18.72
N PHE C 21 0.63 23.64 -18.00
CA PHE C 21 1.13 24.48 -16.88
C PHE C 21 2.48 25.17 -17.01
N LYS C 22 2.48 26.51 -16.89
CA LYS C 22 3.65 27.38 -17.02
C LYS C 22 4.33 27.80 -15.69
N GLY C 23 5.55 27.33 -15.51
CA GLY C 23 6.42 27.69 -14.35
C GLY C 23 6.99 29.14 -14.27
N PRO C 24 7.71 29.50 -13.21
CA PRO C 24 8.25 28.64 -12.18
C PRO C 24 7.15 27.96 -11.31
N PHE C 25 7.54 26.99 -10.46
CA PHE C 25 6.58 26.10 -9.72
C PHE C 25 6.90 26.08 -8.23
N THR C 26 7.50 27.18 -7.78
CA THR C 26 7.79 27.39 -6.36
C THR C 26 6.52 27.95 -5.72
N ASP C 27 5.57 28.35 -6.59
CA ASP C 27 4.16 28.62 -6.20
C ASP C 27 3.10 27.84 -6.98
N VAL C 28 1.85 27.89 -6.48
CA VAL C 28 0.73 27.27 -7.14
C VAL C 28 0.59 27.92 -8.55
N VAL C 29 0.43 27.04 -9.51
CA VAL C 29 0.21 27.33 -10.89
C VAL C 29 -1.17 26.78 -11.32
N THR C 30 -2.01 27.68 -11.81
CA THR C 30 -3.34 27.34 -12.20
C THR C 30 -3.44 27.37 -13.72
N THR C 31 -4.14 26.41 -14.25
CA THR C 31 -4.61 26.39 -15.64
C THR C 31 -6.12 26.15 -15.65
N ASN C 32 -6.78 26.65 -16.67
CA ASN C 32 -8.23 26.57 -16.76
C ASN C 32 -8.72 25.58 -17.82
N LEU C 33 -9.75 24.87 -17.45
CA LEU C 33 -10.46 23.98 -18.31
C LEU C 33 -11.92 24.45 -18.45
N LYS C 34 -12.27 24.83 -19.70
CA LYS C 34 -13.60 25.29 -20.04
C LYS C 34 -14.45 24.05 -20.43
N LEU C 35 -15.59 23.92 -19.80
CA LEU C 35 -16.54 22.88 -20.10
C LEU C 35 -17.78 23.55 -20.63
N GLN C 36 -18.01 23.39 -21.94
CA GLN C 36 -19.20 23.93 -22.57
C GLN C 36 -20.18 22.80 -22.86
N ASN C 37 -21.44 23.02 -22.48
CA ASN C 37 -22.57 22.13 -22.74
C ASN C 37 -23.39 22.69 -23.92
N PRO C 38 -23.07 22.23 -25.12
CA PRO C 38 -23.82 22.67 -26.32
C PRO C 38 -25.23 22.05 -26.44
N SER C 39 -25.62 21.13 -25.55
CA SER C 39 -26.78 20.24 -25.78
C SER C 39 -28.05 20.82 -25.16
N ASP C 40 -29.19 20.14 -25.36
CA ASP C 40 -30.50 20.61 -24.82
C ASP C 40 -30.81 20.09 -23.41
N ARG C 41 -29.84 19.48 -22.75
CA ARG C 41 -30.04 18.85 -21.47
C ARG C 41 -28.95 19.25 -20.47
N LYS C 42 -29.29 19.24 -19.18
CA LYS C 42 -28.28 19.46 -18.14
C LYS C 42 -27.35 18.27 -18.19
N VAL C 43 -26.08 18.59 -17.91
CA VAL C 43 -25.01 17.64 -17.84
C VAL C 43 -24.25 17.71 -16.50
N CYS C 44 -24.17 16.58 -15.82
CA CYS C 44 -23.33 16.46 -14.60
C CYS C 44 -21.96 16.08 -14.93
N PHE C 45 -21.02 16.55 -14.13
CA PHE C 45 -19.56 16.29 -14.32
C PHE C 45 -18.84 16.09 -13.01
N LYS C 46 -17.82 15.27 -13.10
CA LYS C 46 -16.88 14.99 -11.99
C LYS C 46 -15.46 14.91 -12.65
N VAL C 47 -14.49 15.47 -11.95
CA VAL C 47 -13.10 15.44 -12.38
C VAL C 47 -12.29 14.41 -11.46
N LYS C 48 -11.48 13.62 -12.14
CA LYS C 48 -10.59 12.67 -11.56
C LYS C 48 -9.14 12.90 -12.22
N THR C 49 -8.16 12.40 -11.48
CA THR C 49 -6.76 12.48 -11.75
C THR C 49 -5.97 11.32 -11.29
N THR C 50 -4.88 11.11 -11.98
CA THR C 50 -3.99 10.06 -11.71
C THR C 50 -3.07 10.52 -10.53
N ALA C 51 -3.03 11.84 -10.31
CA ALA C 51 -2.15 12.39 -9.24
C ALA C 51 -2.94 13.31 -8.25
N PRO C 52 -3.91 12.71 -7.50
CA PRO C 52 -4.76 13.52 -6.58
C PRO C 52 -4.08 14.40 -5.49
N ARG C 53 -2.91 14.00 -4.98
CA ARG C 53 -2.16 14.83 -4.00
C ARG C 53 -1.52 16.06 -4.62
N ARG C 54 -1.42 16.09 -5.94
CA ARG C 54 -0.59 17.07 -6.61
C ARG C 54 -1.40 18.30 -7.09
N TYR C 55 -2.72 18.20 -6.98
CA TYR C 55 -3.60 19.15 -7.56
C TYR C 55 -4.76 19.45 -6.67
N CYS C 56 -5.22 20.70 -6.74
N CYS C 56 -5.30 20.63 -6.91
CA CYS C 56 -6.55 21.12 -6.28
CA CYS C 56 -6.54 21.06 -6.35
C CYS C 56 -7.40 21.46 -7.52
C CYS C 56 -7.41 21.48 -7.52
N VAL C 57 -8.64 20.99 -7.55
CA VAL C 57 -9.51 21.28 -8.70
C VAL C 57 -10.80 21.89 -8.19
N ARG C 58 -11.17 23.05 -8.75
CA ARG C 58 -12.28 23.81 -8.21
C ARG C 58 -13.11 24.39 -9.35
N PRO C 59 -14.36 23.96 -9.48
CA PRO C 59 -15.08 22.91 -8.71
C PRO C 59 -14.58 21.50 -9.24
N ASN C 60 -14.63 20.51 -8.35
CA ASN C 60 -14.23 19.17 -8.80
C ASN C 60 -15.43 18.37 -9.33
N SER C 61 -16.63 18.96 -9.27
CA SER C 61 -17.84 18.32 -9.85
C SER C 61 -18.92 19.43 -9.96
N GLY C 62 -19.96 19.16 -10.69
CA GLY C 62 -21.08 20.10 -10.80
C GLY C 62 -22.00 19.77 -11.88
N VAL C 63 -22.82 20.76 -12.26
CA VAL C 63 -23.86 20.48 -13.29
C VAL C 63 -23.83 21.70 -14.16
N ILE C 64 -23.95 21.44 -15.46
CA ILE C 64 -23.87 22.48 -16.47
C ILE C 64 -25.22 22.45 -17.17
N ASP C 65 -25.91 23.59 -17.07
CA ASP C 65 -27.22 23.86 -17.67
C ASP C 65 -27.14 23.78 -19.18
N PRO C 66 -28.26 23.37 -19.85
CA PRO C 66 -28.13 23.41 -21.28
C PRO C 66 -27.70 24.77 -21.75
N GLY C 67 -26.81 24.75 -22.73
CA GLY C 67 -26.33 25.96 -23.40
C GLY C 67 -25.23 26.71 -22.68
N SER C 68 -24.80 26.20 -21.53
CA SER C 68 -23.97 26.97 -20.60
C SER C 68 -22.51 26.51 -20.59
N ILE C 69 -21.71 27.24 -19.87
CA ILE C 69 -20.29 26.99 -19.78
C ILE C 69 -19.77 27.15 -18.30
N VAL C 70 -18.98 26.23 -17.85
CA VAL C 70 -18.30 26.33 -16.58
C VAL C 70 -16.78 26.16 -16.77
N THR C 71 -15.99 26.97 -16.04
CA THR C 71 -14.55 26.96 -16.21
C THR C 71 -14.01 26.44 -14.90
N VAL C 72 -13.28 25.36 -15.02
CA VAL C 72 -12.77 24.61 -13.87
C VAL C 72 -11.33 25.07 -13.70
N SER C 73 -10.98 25.38 -12.46
CA SER C 73 -9.66 25.77 -12.10
C SER C 73 -8.80 24.59 -11.61
N VAL C 74 -7.73 24.33 -12.33
CA VAL C 74 -6.78 23.22 -12.00
C VAL C 74 -5.48 23.79 -11.48
N MET C 75 -5.28 23.62 -10.19
CA MET C 75 -4.21 24.19 -9.39
C MET C 75 -3.12 23.22 -9.06
N LEU C 76 -2.01 23.37 -9.80
CA LEU C 76 -0.87 22.54 -9.57
C LEU C 76 -0.11 23.05 -8.38
N GLN C 77 0.04 22.16 -7.43
CA GLN C 77 0.71 22.41 -6.23
C GLN C 77 2.22 22.58 -6.44
N PRO C 78 2.83 23.37 -5.56
CA PRO C 78 4.31 23.65 -5.72
C PRO C 78 5.16 22.42 -5.52
N PHE C 79 6.22 22.40 -6.28
CA PHE C 79 7.16 21.30 -6.30
C PHE C 79 8.52 21.68 -6.94
N ASP C 80 9.52 20.86 -6.62
CA ASP C 80 10.87 20.87 -7.28
C ASP C 80 10.78 20.30 -8.75
N TYR C 81 10.71 21.20 -9.73
CA TYR C 81 10.46 20.94 -11.19
C TYR C 81 11.69 20.33 -11.90
N ASP C 82 11.53 19.16 -12.55
CA ASP C 82 12.63 18.56 -13.31
C ASP C 82 12.31 18.75 -14.76
N PRO C 83 13.02 19.74 -15.37
CA PRO C 83 12.70 20.09 -16.72
C PRO C 83 12.88 18.91 -17.60
N ASN C 84 13.78 17.97 -17.18
CA ASN C 84 14.00 16.73 -17.94
C ASN C 84 12.99 15.56 -17.72
N GLU C 85 12.08 15.67 -16.76
CA GLU C 85 11.08 14.62 -16.47
C GLU C 85 9.82 14.98 -17.23
N LYS C 86 9.26 14.19 -18.15
CA LYS C 86 7.98 14.75 -18.62
C LYS C 86 6.79 14.19 -17.86
N SER C 87 5.74 14.97 -17.70
CA SER C 87 4.66 14.63 -16.75
C SER C 87 3.89 13.48 -17.37
N LYS C 88 3.61 12.53 -16.52
CA LYS C 88 2.75 11.38 -16.73
C LYS C 88 1.33 11.63 -16.19
N HIS C 89 1.08 12.82 -15.67
CA HIS C 89 -0.21 13.00 -15.00
C HIS C 89 -1.29 13.09 -16.05
N LYS C 90 -2.47 12.58 -15.71
CA LYS C 90 -3.64 12.75 -16.57
C LYS C 90 -4.84 13.12 -15.69
N PHE C 91 -5.81 13.68 -16.40
CA PHE C 91 -7.08 14.02 -15.83
C PHE C 91 -8.15 13.35 -16.71
N MET C 92 -9.31 13.18 -16.07
CA MET C 92 -10.44 12.65 -16.63
C MET C 92 -11.61 13.49 -16.22
N VAL C 93 -12.41 13.88 -17.20
CA VAL C 93 -13.68 14.54 -16.91
C VAL C 93 -14.79 13.57 -17.31
N GLN C 94 -15.50 13.11 -16.31
CA GLN C 94 -16.55 12.16 -16.47
C GLN C 94 -17.84 12.85 -16.42
N THR C 95 -18.74 12.45 -17.30
CA THR C 95 -20.02 13.15 -17.47
C THR C 95 -21.19 12.24 -17.68
N ILE C 96 -22.34 12.77 -17.35
CA ILE C 96 -23.58 12.06 -17.54
C ILE C 96 -24.72 13.09 -17.74
N PHE C 97 -25.78 12.70 -18.44
CA PHE C 97 -26.85 13.69 -18.57
C PHE C 97 -27.53 13.74 -17.27
N ALA C 98 -27.95 14.95 -16.90
CA ALA C 98 -28.58 15.13 -15.59
C ALA C 98 -29.97 14.48 -15.41
N PRO C 99 -30.09 13.63 -14.39
CA PRO C 99 -31.38 13.09 -14.01
C PRO C 99 -32.25 14.16 -13.36
N PRO C 100 -33.55 13.86 -13.17
CA PRO C 100 -34.42 14.98 -12.73
C PRO C 100 -34.12 15.51 -11.35
N SER C 103 -32.67 15.52 -5.81
CA SER C 103 -31.87 15.95 -4.65
C SER C 103 -30.33 15.82 -4.69
N ASP C 104 -29.83 14.59 -4.76
CA ASP C 104 -28.51 14.27 -4.25
C ASP C 104 -27.55 13.72 -5.33
N MET C 105 -26.34 14.26 -5.37
CA MET C 105 -25.35 13.89 -6.40
C MET C 105 -24.65 12.56 -6.19
N GLU C 106 -24.50 12.18 -4.94
CA GLU C 106 -24.07 10.82 -4.64
C GLU C 106 -25.01 9.83 -5.29
N ALA C 107 -26.30 9.93 -4.98
CA ALA C 107 -27.28 9.02 -5.54
C ALA C 107 -27.28 9.01 -7.06
N VAL C 108 -26.88 10.12 -7.65
CA VAL C 108 -26.79 10.31 -9.10
C VAL C 108 -25.64 9.46 -9.71
N TRP C 109 -24.44 9.58 -9.16
CA TRP C 109 -23.37 8.75 -9.64
C TRP C 109 -23.60 7.27 -9.38
N LYS C 110 -24.23 6.87 -8.28
CA LYS C 110 -24.25 5.44 -8.01
C LYS C 110 -25.28 4.76 -8.86
N GLU C 111 -26.34 5.50 -9.22
CA GLU C 111 -27.43 5.02 -10.07
C GLU C 111 -27.05 4.91 -11.57
N ALA C 112 -26.02 5.64 -11.98
CA ALA C 112 -25.53 5.71 -13.38
C ALA C 112 -25.12 4.36 -14.02
N LYS C 113 -25.67 4.01 -15.17
CA LYS C 113 -25.29 2.76 -15.84
C LYS C 113 -23.96 3.08 -16.57
N PRO C 114 -23.06 2.07 -16.76
CA PRO C 114 -21.78 2.46 -17.39
C PRO C 114 -21.97 2.91 -18.86
N ASP C 115 -23.00 2.40 -19.52
CA ASP C 115 -23.38 2.90 -20.84
C ASP C 115 -23.76 4.39 -20.90
N GLU C 116 -24.07 5.00 -19.76
CA GLU C 116 -24.54 6.38 -19.70
C GLU C 116 -23.42 7.39 -19.56
N LEU C 117 -22.24 6.87 -19.22
CA LEU C 117 -21.15 7.64 -18.75
C LEU C 117 -20.27 7.97 -19.90
N MET C 118 -19.82 9.19 -19.92
CA MET C 118 -18.94 9.72 -20.96
C MET C 118 -17.65 10.20 -20.27
N ASP C 119 -16.50 10.07 -20.93
CA ASP C 119 -15.17 10.49 -20.28
C ASP C 119 -14.51 11.24 -21.32
N SER C 120 -13.80 12.23 -20.92
CA SER C 120 -12.77 12.78 -21.65
C SER C 120 -11.53 12.63 -20.78
N LYS C 121 -10.39 12.45 -21.42
CA LYS C 121 -9.07 12.38 -20.80
C LYS C 121 -8.19 13.53 -21.34
N LEU C 122 -7.44 14.13 -20.45
CA LEU C 122 -6.46 15.13 -20.80
C LEU C 122 -5.19 14.70 -20.18
N ARG C 123 -4.14 14.99 -20.93
CA ARG C 123 -2.79 14.73 -20.53
C ARG C 123 -2.29 16.06 -19.98
N CYS C 124 -1.52 16.08 -18.88
CA CYS C 124 -0.91 17.32 -18.38
C CYS C 124 0.41 17.54 -19.07
N VAL C 125 0.74 18.84 -19.28
CA VAL C 125 2.04 19.31 -19.83
C VAL C 125 2.60 20.47 -19.02
N PHE C 126 3.85 20.31 -18.57
CA PHE C 126 4.63 21.36 -17.88
C PHE C 126 5.64 22.02 -18.91
N GLU C 127 5.54 23.35 -19.06
CA GLU C 127 6.42 24.21 -19.93
C GLU C 127 7.12 25.19 -18.98
N MET C 128 8.22 25.78 -19.42
CA MET C 128 8.90 26.80 -18.63
C MET C 128 9.24 28.02 -19.48
N GLU D 8 -9.46 42.66 15.97
CA GLU D 8 -8.38 42.39 14.96
C GLU D 8 -8.47 41.00 14.26
N GLN D 9 -8.13 40.98 12.97
CA GLN D 9 -8.06 39.71 12.20
C GLN D 9 -7.12 38.62 12.80
N ILE D 10 -7.68 37.44 13.01
CA ILE D 10 -6.98 36.30 13.59
C ILE D 10 -6.18 35.53 12.53
N LEU D 11 -6.75 35.47 11.34
CA LEU D 11 -6.11 34.78 10.22
C LEU D 11 -4.91 35.57 9.79
N VAL D 12 -3.88 34.90 9.29
CA VAL D 12 -2.75 35.53 8.62
C VAL D 12 -2.91 35.32 7.08
N LEU D 13 -2.89 36.44 6.33
CA LEU D 13 -3.11 36.40 4.87
C LEU D 13 -1.80 36.64 4.18
N ASP D 14 -1.51 35.74 3.27
CA ASP D 14 -0.47 35.94 2.27
C ASP D 14 -1.07 35.94 0.85
N PRO D 15 -1.00 37.07 0.14
CA PRO D 15 -0.48 38.43 0.58
C PRO D 15 -1.37 39.11 1.66
N PRO D 16 -0.76 39.96 2.50
CA PRO D 16 -1.52 40.58 3.56
C PRO D 16 -2.50 41.74 3.02
N SER D 17 -2.28 42.33 1.86
CA SER D 17 -2.96 43.59 1.60
C SER D 17 -3.10 44.00 0.13
N ASP D 18 -2.28 43.47 -0.78
CA ASP D 18 -2.45 43.75 -2.20
C ASP D 18 -2.46 42.43 -2.94
N LEU D 19 -3.47 42.24 -3.82
CA LEU D 19 -3.52 41.09 -4.73
C LEU D 19 -3.13 41.48 -6.11
N LYS D 20 -2.09 40.83 -6.61
CA LYS D 20 -1.52 41.14 -7.88
C LYS D 20 -1.97 40.18 -8.96
N PHE D 21 -2.41 40.72 -10.10
CA PHE D 21 -2.77 39.97 -11.31
C PHE D 21 -1.97 40.27 -12.51
N LYS D 22 -1.28 39.25 -13.09
CA LYS D 22 -0.33 39.46 -14.19
C LYS D 22 -0.93 39.12 -15.58
N GLY D 23 -1.02 40.12 -16.44
CA GLY D 23 -1.49 39.97 -17.83
C GLY D 23 -0.56 39.23 -18.81
N PRO D 24 -1.01 38.98 -20.06
CA PRO D 24 -2.21 39.49 -20.70
C PRO D 24 -3.55 39.04 -20.03
N PHE D 25 -4.65 39.71 -20.37
CA PHE D 25 -6.00 39.50 -19.76
C PHE D 25 -7.06 39.20 -20.82
N THR D 26 -6.59 38.55 -21.90
CA THR D 26 -7.50 38.05 -22.93
C THR D 26 -8.03 36.67 -22.48
N ASP D 27 -7.36 36.07 -21.50
CA ASP D 27 -7.86 34.91 -20.74
C ASP D 27 -7.99 35.12 -19.21
N VAL D 28 -8.60 34.15 -18.52
CA VAL D 28 -8.74 34.22 -17.06
C VAL D 28 -7.30 34.19 -16.44
N VAL D 29 -7.11 35.06 -15.48
CA VAL D 29 -5.92 35.22 -14.73
C VAL D 29 -6.20 34.94 -13.23
N THR D 30 -5.45 34.03 -12.64
CA THR D 30 -5.70 33.67 -11.27
C THR D 30 -4.56 34.17 -10.41
N THR D 31 -4.89 34.67 -9.25
CA THR D 31 -3.95 34.87 -8.12
C THR D 31 -4.43 34.12 -6.90
N ASN D 32 -3.50 33.75 -6.04
CA ASN D 32 -3.84 32.98 -4.86
C ASN D 32 -3.77 33.79 -3.59
N LEU D 33 -4.70 33.53 -2.70
CA LEU D 33 -4.69 34.15 -1.42
C LEU D 33 -4.63 33.04 -0.38
N LYS D 34 -3.52 33.01 0.38
CA LYS D 34 -3.33 32.01 1.38
C LYS D 34 -3.95 32.57 2.70
N LEU D 35 -4.77 31.76 3.33
CA LEU D 35 -5.41 32.05 4.62
C LEU D 35 -4.95 31.04 5.66
N GLN D 36 -4.09 31.48 6.57
CA GLN D 36 -3.53 30.60 7.59
C GLN D 36 -4.22 30.93 8.91
N ASN D 37 -4.71 29.89 9.61
CA ASN D 37 -5.27 29.99 10.98
C ASN D 37 -4.23 29.50 12.00
N PRO D 38 -3.49 30.46 12.58
CA PRO D 38 -2.51 30.07 13.63
C PRO D 38 -3.14 29.77 15.02
N SER D 39 -4.42 30.06 15.22
CA SER D 39 -5.07 30.00 16.54
C SER D 39 -5.49 28.60 16.93
N ASP D 40 -6.09 28.47 18.12
CA ASP D 40 -6.48 27.13 18.65
C ASP D 40 -7.97 26.85 18.43
N ARG D 41 -8.58 27.59 17.50
CA ARG D 41 -10.01 27.53 17.29
C ARG D 41 -10.27 27.52 15.79
N LYS D 42 -11.36 26.87 15.37
CA LYS D 42 -11.78 26.92 13.99
C LYS D 42 -12.20 28.36 13.71
N VAL D 43 -11.92 28.75 12.48
CA VAL D 43 -12.23 30.07 11.94
C VAL D 43 -12.99 29.94 10.60
N CYS D 44 -14.19 30.53 10.57
CA CYS D 44 -15.00 30.64 9.38
C CYS D 44 -14.62 31.89 8.64
N PHE D 45 -14.65 31.82 7.35
CA PHE D 45 -14.36 32.99 6.43
C PHE D 45 -15.39 33.07 5.23
N LYS D 46 -15.53 34.26 4.71
CA LYS D 46 -16.36 34.61 3.55
C LYS D 46 -15.59 35.76 2.82
N VAL D 47 -15.56 35.64 1.52
CA VAL D 47 -14.89 36.63 0.69
C VAL D 47 -15.99 37.52 0.01
N LYS D 48 -15.71 38.82 0.05
CA LYS D 48 -16.50 39.80 -0.60
C LYS D 48 -15.57 40.71 -1.48
N THR D 49 -16.25 41.33 -2.46
CA THR D 49 -15.66 42.21 -3.43
C THR D 49 -16.49 43.36 -3.83
N THR D 50 -15.82 44.42 -4.27
CA THR D 50 -16.41 45.63 -4.74
C THR D 50 -16.84 45.41 -6.21
N ALA D 51 -16.29 44.35 -6.84
CA ALA D 51 -16.54 44.07 -8.30
C ALA D 51 -16.94 42.58 -8.51
N PRO D 52 -18.10 42.19 -7.96
CA PRO D 52 -18.56 40.78 -8.03
C PRO D 52 -18.70 40.13 -9.42
N ARG D 53 -19.05 40.93 -10.43
CA ARG D 53 -19.13 40.42 -11.86
C ARG D 53 -17.76 40.17 -12.52
N ARG D 54 -16.68 40.69 -11.94
CA ARG D 54 -15.38 40.66 -12.56
C ARG D 54 -14.49 39.49 -12.14
N TYR D 55 -14.93 38.74 -11.14
CA TYR D 55 -14.15 37.75 -10.52
C TYR D 55 -14.94 36.50 -10.17
N CYS D 56 -14.27 35.35 -10.26
N CYS D 56 -14.19 35.44 -10.05
CA CYS D 56 -14.75 34.11 -9.58
CA CYS D 56 -14.72 34.21 -9.54
C CYS D 56 -13.81 33.82 -8.41
C CYS D 56 -13.79 33.81 -8.41
N VAL D 57 -14.37 33.44 -7.26
CA VAL D 57 -13.56 33.17 -6.08
C VAL D 57 -13.86 31.81 -5.56
N ARG D 58 -12.80 30.96 -5.50
CA ARG D 58 -13.03 29.55 -5.13
C ARG D 58 -12.00 29.06 -4.11
N PRO D 59 -12.42 28.70 -2.90
CA PRO D 59 -13.82 28.77 -2.34
C PRO D 59 -14.14 30.23 -2.00
N ASN D 60 -15.40 30.57 -2.12
CA ASN D 60 -15.76 31.94 -1.63
C ASN D 60 -16.11 32.05 -0.12
N SER D 61 -16.08 30.90 0.57
CA SER D 61 -16.32 30.85 2.01
C SER D 61 -15.86 29.45 2.50
N GLY D 62 -15.67 29.32 3.78
CA GLY D 62 -15.36 28.00 4.36
C GLY D 62 -14.89 28.08 5.74
N VAL D 63 -14.28 26.99 6.21
CA VAL D 63 -13.85 26.97 7.61
C VAL D 63 -12.43 26.48 7.61
N ILE D 64 -11.65 27.06 8.52
CA ILE D 64 -10.24 26.73 8.61
C ILE D 64 -9.96 26.22 10.02
N ASP D 65 -9.55 24.95 10.08
CA ASP D 65 -9.28 24.19 11.30
C ASP D 65 -8.13 24.88 12.07
N PRO D 66 -8.09 24.76 13.42
CA PRO D 66 -6.95 25.36 14.04
C PRO D 66 -5.65 24.83 13.46
N GLY D 67 -4.66 25.71 13.34
CA GLY D 67 -3.36 25.37 12.78
C GLY D 67 -3.29 25.14 11.26
N SER D 68 -4.41 25.26 10.57
CA SER D 68 -4.46 24.88 9.14
C SER D 68 -4.37 26.08 8.18
N ILE D 69 -4.27 25.77 6.90
CA ILE D 69 -4.14 26.76 5.84
C ILE D 69 -5.02 26.39 4.59
N VAL D 70 -5.75 27.36 4.10
CA VAL D 70 -6.54 27.20 2.89
C VAL D 70 -6.08 28.26 1.92
N THR D 71 -5.88 27.86 0.66
CA THR D 71 -5.52 28.80 -0.39
C THR D 71 -6.71 29.06 -1.30
N VAL D 72 -7.06 30.32 -1.40
CA VAL D 72 -8.28 30.73 -2.12
C VAL D 72 -7.77 31.17 -3.50
N SER D 73 -8.42 30.67 -4.56
CA SER D 73 -8.22 31.04 -5.89
C SER D 73 -9.13 32.22 -6.36
N VAL D 74 -8.47 33.30 -6.81
CA VAL D 74 -9.14 34.54 -7.25
C VAL D 74 -8.91 34.69 -8.75
N MET D 75 -9.97 34.50 -9.51
CA MET D 75 -9.98 34.37 -10.95
C MET D 75 -10.55 35.59 -11.63
N LEU D 76 -9.63 36.46 -12.08
CA LEU D 76 -10.02 37.67 -12.76
C LEU D 76 -10.49 37.31 -14.18
N GLN D 77 -11.74 37.65 -14.49
CA GLN D 77 -12.35 37.37 -15.73
C GLN D 77 -11.73 38.20 -16.83
N PRO D 78 -11.79 37.69 -18.08
CA PRO D 78 -11.11 38.43 -19.19
C PRO D 78 -11.70 39.78 -19.47
N PHE D 79 -10.88 40.70 -19.96
CA PHE D 79 -11.32 42.03 -20.29
C PHE D 79 -10.26 42.76 -21.13
N ASP D 80 -10.71 43.83 -21.74
CA ASP D 80 -9.88 44.89 -22.41
C ASP D 80 -9.12 45.75 -21.34
N TYR D 81 -7.85 45.45 -21.12
CA TYR D 81 -6.95 46.01 -20.06
C TYR D 81 -6.49 47.41 -20.48
N ASP D 82 -6.77 48.47 -19.68
CA ASP D 82 -6.19 49.81 -19.92
C ASP D 82 -5.02 49.98 -18.99
N PRO D 83 -3.81 49.94 -19.58
CA PRO D 83 -2.66 49.93 -18.72
C PRO D 83 -2.57 51.25 -17.99
N ASN D 84 -3.21 52.33 -18.55
CA ASN D 84 -3.43 53.60 -17.80
C ASN D 84 -4.59 53.77 -16.77
N GLU D 85 -5.47 52.77 -16.60
CA GLU D 85 -6.54 52.85 -15.61
C GLU D 85 -6.06 52.10 -14.38
N LYS D 86 -5.85 52.70 -13.21
CA LYS D 86 -5.48 51.73 -12.16
C LYS D 86 -6.67 51.20 -11.35
N SER D 87 -6.61 49.93 -10.97
CA SER D 87 -7.79 49.14 -10.44
C SER D 87 -8.18 49.80 -9.15
N LYS D 88 -9.47 50.02 -9.01
CA LYS D 88 -10.15 50.48 -7.83
C LYS D 88 -10.79 49.26 -7.10
N HIS D 89 -10.56 48.07 -7.63
CA HIS D 89 -11.24 46.89 -7.00
C HIS D 89 -10.61 46.55 -5.67
N LYS D 90 -11.46 46.10 -4.75
CA LYS D 90 -11.03 45.66 -3.47
C LYS D 90 -11.73 44.36 -3.15
N PHE D 91 -11.03 43.61 -2.31
CA PHE D 91 -11.60 42.42 -1.64
C PHE D 91 -11.60 42.58 -0.10
N MET D 92 -12.52 41.86 0.53
CA MET D 92 -12.66 41.80 1.90
C MET D 92 -12.76 40.34 2.29
N VAL D 93 -11.95 39.94 3.26
CA VAL D 93 -12.10 38.64 3.87
C VAL D 93 -12.65 38.81 5.26
N GLN D 94 -13.85 38.34 5.45
CA GLN D 94 -14.50 38.49 6.75
C GLN D 94 -14.44 37.20 7.44
N THR D 95 -14.17 37.30 8.73
CA THR D 95 -13.92 36.12 9.58
C THR D 95 -14.59 36.18 10.91
N ILE D 96 -14.80 35.00 11.47
CA ILE D 96 -15.41 34.85 12.74
C ILE D 96 -14.94 33.52 13.35
N PHE D 97 -14.85 33.46 14.67
CA PHE D 97 -14.44 32.14 15.22
C PHE D 97 -15.58 31.21 15.05
N ALA D 98 -15.25 29.95 14.76
CA ALA D 98 -16.31 28.98 14.49
C ALA D 98 -17.13 28.58 15.75
N PRO D 99 -18.45 28.71 15.66
CA PRO D 99 -19.35 28.22 16.69
C PRO D 99 -19.43 26.70 16.60
N PRO D 100 -20.10 26.06 17.56
CA PRO D 100 -20.04 24.57 17.63
C PRO D 100 -20.67 23.87 16.46
N SER D 103 -24.83 22.71 12.40
CA SER D 103 -25.32 22.49 11.04
C SER D 103 -24.99 23.58 9.98
N ASP D 104 -25.66 24.72 10.07
CA ASP D 104 -25.80 25.58 8.88
C ASP D 104 -24.93 26.82 8.94
N MET D 105 -24.23 27.11 7.85
CA MET D 105 -23.39 28.30 7.70
C MET D 105 -24.12 29.59 7.42
N GLU D 106 -25.33 29.50 6.92
CA GLU D 106 -26.22 30.64 6.93
C GLU D 106 -26.48 31.03 8.33
N ALA D 107 -27.13 30.17 9.11
CA ALA D 107 -27.41 30.42 10.52
C ALA D 107 -26.23 31.04 11.27
N VAL D 108 -25.03 30.60 10.96
CA VAL D 108 -23.76 31.11 11.52
C VAL D 108 -23.50 32.60 11.23
N TRP D 109 -23.57 32.99 9.97
CA TRP D 109 -23.42 34.37 9.67
C TRP D 109 -24.53 35.29 10.19
N LYS D 110 -25.74 34.79 10.41
CA LYS D 110 -26.80 35.71 10.77
C LYS D 110 -26.84 35.89 12.26
N GLU D 111 -26.39 34.86 12.98
CA GLU D 111 -26.27 34.92 14.44
C GLU D 111 -25.08 35.77 14.93
N ALA D 112 -24.13 36.03 14.05
CA ALA D 112 -22.88 36.77 14.35
C ALA D 112 -23.05 38.22 14.85
N LYS D 113 -22.48 38.54 16.00
CA LYS D 113 -22.61 39.88 16.58
C LYS D 113 -21.54 40.70 15.88
N PRO D 114 -21.75 42.03 15.76
CA PRO D 114 -20.79 42.75 14.91
C PRO D 114 -19.41 42.89 15.58
N ASP D 115 -19.37 42.83 16.91
CA ASP D 115 -18.12 42.76 17.67
C ASP D 115 -17.27 41.49 17.46
N GLU D 116 -17.88 40.44 16.90
CA GLU D 116 -17.24 39.14 16.68
C GLU D 116 -16.54 39.06 15.37
N LEU D 117 -16.94 39.96 14.48
CA LEU D 117 -16.59 39.90 13.10
C LEU D 117 -15.28 40.57 12.93
N MET D 118 -14.45 39.94 12.15
CA MET D 118 -13.12 40.42 11.82
C MET D 118 -13.07 40.56 10.31
N ASP D 119 -12.32 41.54 9.82
CA ASP D 119 -12.26 41.88 8.33
C ASP D 119 -10.84 42.05 8.01
N SER D 120 -10.42 41.57 6.88
CA SER D 120 -9.27 42.09 6.21
C SER D 120 -9.69 42.64 4.87
N LYS D 121 -9.05 43.70 4.43
CA LYS D 121 -9.25 44.24 3.10
C LYS D 121 -7.94 44.13 2.29
N LEU D 122 -8.11 43.86 1.02
CA LEU D 122 -7.07 43.80 0.02
C LEU D 122 -7.47 44.63 -1.15
N ARG D 123 -6.47 45.30 -1.68
CA ARG D 123 -6.55 46.08 -2.84
C ARG D 123 -6.06 45.21 -4.00
N CYS D 124 -6.73 45.24 -5.16
CA CYS D 124 -6.25 44.53 -6.34
C CYS D 124 -5.25 45.44 -7.08
N VAL D 125 -4.27 44.81 -7.74
CA VAL D 125 -3.26 45.47 -8.57
C VAL D 125 -3.05 44.67 -9.84
N PHE D 126 -3.27 45.33 -10.96
CA PHE D 126 -2.95 44.77 -12.28
C PHE D 126 -1.51 45.25 -12.78
N GLU D 127 -0.63 44.27 -13.07
CA GLU D 127 0.73 44.45 -13.71
C GLU D 127 0.74 43.82 -15.13
N MET D 128 1.69 44.24 -15.98
CA MET D 128 2.00 43.52 -17.24
C MET D 128 3.46 43.08 -17.25
N GLU E 8 24.30 -15.59 -19.28
CA GLU E 8 23.33 -16.73 -19.30
C GLU E 8 23.34 -17.62 -18.03
N GLN E 9 22.21 -18.24 -17.66
CA GLN E 9 22.17 -19.11 -16.47
C GLN E 9 23.11 -20.33 -16.58
N ILE E 10 23.96 -20.50 -15.56
CA ILE E 10 24.97 -21.52 -15.50
C ILE E 10 24.34 -22.80 -15.00
N LEU E 11 23.38 -22.69 -14.10
CA LEU E 11 22.72 -23.85 -13.51
C LEU E 11 21.82 -24.47 -14.55
N VAL E 12 21.57 -25.75 -14.42
CA VAL E 12 20.59 -26.47 -15.22
C VAL E 12 19.39 -26.80 -14.28
N LEU E 13 18.19 -26.33 -14.70
CA LEU E 13 16.96 -26.48 -13.96
C LEU E 13 16.08 -27.54 -14.58
N ASP E 14 15.68 -28.46 -13.74
CA ASP E 14 14.63 -29.38 -14.05
C ASP E 14 13.51 -29.25 -13.04
N PRO E 15 12.31 -28.81 -13.48
CA PRO E 15 11.95 -28.41 -14.87
C PRO E 15 12.63 -27.08 -15.23
N PRO E 16 12.94 -26.87 -16.52
CA PRO E 16 13.60 -25.65 -16.96
C PRO E 16 12.70 -24.34 -16.88
N SER E 17 11.37 -24.43 -16.94
CA SER E 17 10.59 -23.20 -17.15
C SER E 17 9.10 -23.18 -16.64
N ASP E 18 8.48 -24.33 -16.38
CA ASP E 18 7.11 -24.38 -15.84
C ASP E 18 7.11 -25.30 -14.64
N LEU E 19 6.63 -24.81 -13.48
CA LEU E 19 6.44 -25.59 -12.26
C LEU E 19 5.02 -25.99 -12.11
N LYS E 20 4.75 -27.29 -12.16
CA LYS E 20 3.44 -27.82 -12.11
C LYS E 20 3.07 -28.27 -10.72
N PHE E 21 1.84 -27.95 -10.33
CA PHE E 21 1.22 -28.38 -9.10
C PHE E 21 -0.11 -29.07 -9.21
N LYS E 22 -0.16 -30.35 -8.78
CA LYS E 22 -1.31 -31.22 -8.85
C LYS E 22 -2.30 -31.18 -7.63
N GLY E 23 -3.51 -30.70 -7.85
CA GLY E 23 -4.55 -30.71 -6.80
C GLY E 23 -5.07 -32.10 -6.34
N PRO E 24 -6.00 -32.15 -5.37
CA PRO E 24 -6.72 -31.06 -4.74
C PRO E 24 -5.83 -30.12 -3.89
N PHE E 25 -6.34 -28.96 -3.50
CA PHE E 25 -5.46 -27.89 -2.86
C PHE E 25 -6.08 -27.48 -1.53
N THR E 26 -6.71 -28.48 -0.92
CA THR E 26 -7.28 -28.34 0.39
C THR E 26 -6.18 -28.64 1.38
N ASP E 27 -5.08 -29.24 0.89
CA ASP E 27 -3.80 -29.36 1.62
C ASP E 27 -2.60 -28.80 0.83
N VAL E 28 -1.44 -28.66 1.51
CA VAL E 28 -0.22 -28.17 0.87
C VAL E 28 0.17 -29.18 -0.25
N VAL E 29 0.56 -28.65 -1.37
CA VAL E 29 0.98 -29.36 -2.53
C VAL E 29 2.42 -28.92 -2.83
N THR E 30 3.34 -29.87 -2.87
CA THR E 30 4.72 -29.59 -3.15
C THR E 30 5.06 -30.00 -4.55
N THR E 31 5.86 -29.19 -5.20
CA THR E 31 6.57 -29.54 -6.43
C THR E 31 8.08 -29.33 -6.25
N ASN E 32 8.88 -30.11 -6.95
CA ASN E 32 10.32 -30.05 -6.79
C ASN E 32 11.01 -29.38 -7.97
N LEU E 33 12.01 -28.59 -7.63
CA LEU E 33 12.85 -27.97 -8.54
C LEU E 33 14.32 -28.40 -8.34
N LYS E 34 14.83 -29.14 -9.33
CA LYS E 34 16.22 -29.63 -9.36
C LYS E 34 17.15 -28.50 -9.92
N LEU E 35 18.15 -28.12 -9.16
CA LEU E 35 19.18 -27.21 -9.56
C LEU E 35 20.50 -27.98 -9.62
N GLN E 36 20.92 -28.23 -10.86
CA GLN E 36 22.21 -28.88 -11.17
C GLN E 36 23.24 -27.86 -11.58
N ASN E 37 24.41 -27.92 -10.93
CA ASN E 37 25.61 -27.10 -11.28
C ASN E 37 26.61 -27.96 -12.04
N PRO E 38 26.53 -27.85 -13.39
CA PRO E 38 27.50 -28.61 -14.19
C PRO E 38 28.89 -28.01 -14.23
N SER E 39 29.10 -26.84 -13.64
CA SER E 39 30.31 -26.04 -13.89
C SER E 39 31.44 -26.40 -12.94
N ASP E 40 32.58 -25.73 -13.07
CA ASP E 40 33.76 -26.08 -12.22
C ASP E 40 33.89 -25.18 -11.01
N ARG E 41 32.85 -24.43 -10.71
CA ARG E 41 32.88 -23.44 -9.65
C ARG E 41 31.60 -23.56 -8.80
N LYS E 42 31.69 -23.16 -7.54
CA LYS E 42 30.51 -23.11 -6.69
C LYS E 42 29.60 -22.01 -7.23
N VAL E 43 28.31 -22.26 -7.07
CA VAL E 43 27.25 -21.35 -7.48
C VAL E 43 26.25 -21.13 -6.33
N CYS E 44 26.03 -19.86 -6.04
CA CYS E 44 25.08 -19.39 -5.08
C CYS E 44 23.77 -19.13 -5.74
N PHE E 45 22.72 -19.40 -5.02
CA PHE E 45 21.32 -19.19 -5.53
C PHE E 45 20.36 -18.64 -4.45
N LYS E 46 19.36 -17.94 -4.94
CA LYS E 46 18.28 -17.37 -4.15
C LYS E 46 16.98 -17.45 -5.02
N VAL E 47 15.90 -17.81 -4.37
CA VAL E 47 14.60 -18.00 -5.02
C VAL E 47 13.66 -16.75 -4.57
N LYS E 48 12.98 -16.23 -5.55
CA LYS E 48 12.07 -15.14 -5.42
C LYS E 48 10.78 -15.58 -6.22
N THR E 49 9.69 -14.91 -5.79
CA THR E 49 8.38 -15.15 -6.27
C THR E 49 7.55 -13.92 -6.33
N THR E 50 6.59 -13.91 -7.26
CA THR E 50 5.66 -12.87 -7.42
C THR E 50 4.54 -13.00 -6.38
N ALA E 51 4.45 -14.17 -5.77
CA ALA E 51 3.37 -14.46 -4.75
C ALA E 51 3.99 -15.06 -3.45
N PRO E 52 4.81 -14.24 -2.75
CA PRO E 52 5.52 -14.72 -1.55
C PRO E 52 4.61 -15.26 -0.36
N ARG E 53 3.40 -14.73 -0.14
CA ARG E 53 2.47 -15.29 0.84
C ARG E 53 1.91 -16.67 0.48
N ARG E 54 2.01 -17.05 -0.77
CA ARG E 54 1.31 -18.20 -1.27
C ARG E 54 2.15 -19.52 -1.25
N TYR E 55 3.42 -19.40 -0.92
CA TYR E 55 4.35 -20.47 -1.05
C TYR E 55 5.36 -20.44 0.11
N CYS E 56 5.81 -21.64 0.51
N CYS E 56 6.00 -21.59 0.23
CA CYS E 56 7.06 -21.84 1.29
CA CYS E 56 7.07 -21.80 1.16
C CYS E 56 8.06 -22.51 0.34
C CYS E 56 8.08 -22.54 0.35
N VAL E 57 9.32 -22.08 0.38
CA VAL E 57 10.33 -22.62 -0.50
C VAL E 57 11.49 -23.06 0.36
N ARG E 58 11.88 -24.33 0.25
CA ARG E 58 12.88 -24.84 1.17
C ARG E 58 13.91 -25.71 0.37
N PRO E 59 15.18 -25.28 0.33
CA PRO E 59 15.75 -24.02 0.91
C PRO E 59 15.36 -22.85 -0.05
N ASN E 60 15.29 -21.65 0.50
CA ASN E 60 15.03 -20.49 -0.38
C ASN E 60 16.33 -19.87 -0.91
N SER E 61 17.48 -20.40 -0.48
CA SER E 61 18.79 -19.94 -0.95
C SER E 61 19.83 -21.01 -0.57
N GLY E 62 20.98 -20.89 -1.18
CA GLY E 62 22.09 -21.78 -0.81
C GLY E 62 23.21 -21.76 -1.78
N VAL E 63 24.07 -22.76 -1.68
CA VAL E 63 25.26 -22.82 -2.51
C VAL E 63 25.36 -24.22 -3.02
N ILE E 64 25.69 -24.33 -4.29
CA ILE E 64 25.75 -25.60 -5.01
C ILE E 64 27.19 -25.78 -5.51
N ASP E 65 27.81 -26.83 -5.00
CA ASP E 65 29.20 -27.17 -5.21
C ASP E 65 29.41 -27.53 -6.67
N PRO E 66 30.65 -27.35 -7.25
CA PRO E 66 30.77 -27.81 -8.60
C PRO E 66 30.41 -29.26 -8.74
N GLY E 67 29.71 -29.59 -9.81
CA GLY E 67 29.27 -30.94 -10.07
C GLY E 67 28.02 -31.44 -9.38
N SER E 68 27.47 -30.65 -8.46
CA SER E 68 26.43 -31.15 -7.56
C SER E 68 25.05 -30.66 -7.98
N ILE E 69 24.06 -31.17 -7.28
CA ILE E 69 22.66 -30.94 -7.48
C ILE E 69 21.88 -30.73 -6.11
N VAL E 70 20.99 -29.76 -6.07
CA VAL E 70 20.20 -29.49 -4.90
C VAL E 70 18.74 -29.44 -5.40
N THR E 71 17.84 -30.13 -4.69
CA THR E 71 16.46 -30.15 -5.10
C THR E 71 15.72 -29.20 -4.11
N VAL E 72 15.01 -28.22 -4.66
CA VAL E 72 14.36 -27.21 -3.87
C VAL E 72 12.90 -27.64 -3.81
N SER E 73 12.36 -27.68 -2.61
CA SER E 73 10.98 -27.94 -2.38
C SER E 73 10.07 -26.64 -2.42
N VAL E 74 9.07 -26.65 -3.30
CA VAL E 74 8.17 -25.50 -3.53
C VAL E 74 6.78 -25.96 -3.07
N MET E 75 6.32 -25.39 -1.97
CA MET E 75 5.17 -25.74 -1.22
C MET E 75 4.07 -24.70 -1.36
N LEU E 76 3.16 -25.03 -2.27
CA LEU E 76 1.95 -24.25 -2.45
C LEU E 76 0.97 -24.43 -1.29
N GLN E 77 0.68 -23.32 -0.64
CA GLN E 77 -0.19 -23.24 0.47
C GLN E 77 -1.63 -23.50 0.06
N PRO E 78 -2.43 -24.03 0.99
CA PRO E 78 -3.82 -24.42 0.59
C PRO E 78 -4.66 -23.23 0.24
N PHE E 79 -5.60 -23.43 -0.65
CA PHE E 79 -6.48 -22.36 -1.10
C PHE E 79 -7.72 -22.93 -1.83
N ASP E 80 -8.75 -22.12 -1.91
CA ASP E 80 -9.96 -22.37 -2.77
C ASP E 80 -9.63 -22.26 -4.32
N TYR E 81 -9.30 -23.39 -4.94
CA TYR E 81 -8.89 -23.59 -6.36
C TYR E 81 -10.01 -23.19 -7.36
N ASP E 82 -9.74 -22.24 -8.27
CA ASP E 82 -10.71 -21.93 -9.35
C ASP E 82 -10.14 -22.52 -10.61
N PRO E 83 -10.74 -23.64 -11.07
CA PRO E 83 -10.14 -24.35 -12.16
C PRO E 83 -10.17 -23.47 -13.39
N ASN E 84 -10.97 -22.37 -13.36
CA ASN E 84 -11.06 -21.38 -14.47
C ASN E 84 -10.03 -20.22 -14.46
N GLU E 85 -9.31 -20.08 -13.37
CA GLU E 85 -8.39 -18.95 -13.25
C GLU E 85 -7.04 -19.46 -13.61
N LYS E 86 -6.38 -19.01 -14.67
CA LYS E 86 -5.06 -19.58 -14.77
C LYS E 86 -3.92 -18.80 -14.03
N SER E 87 -3.02 -19.52 -13.40
CA SER E 87 -2.04 -18.91 -12.46
C SER E 87 -1.23 -17.88 -13.27
N LYS E 88 -0.92 -16.83 -12.56
CA LYS E 88 -0.11 -15.71 -12.98
C LYS E 88 1.17 -15.74 -12.17
N HIS E 89 1.30 -16.73 -11.30
CA HIS E 89 2.50 -16.75 -10.43
C HIS E 89 3.75 -17.11 -11.19
N LYS E 90 4.87 -16.50 -10.79
CA LYS E 90 6.15 -16.85 -11.36
C LYS E 90 7.15 -16.93 -10.25
N PHE E 91 8.19 -17.69 -10.53
CA PHE E 91 9.39 -17.77 -9.71
C PHE E 91 10.62 -17.35 -10.55
N MET E 92 11.67 -16.97 -9.82
CA MET E 92 12.87 -16.58 -10.29
C MET E 92 13.90 -17.28 -9.43
N VAL E 93 14.86 -17.91 -10.10
CA VAL E 93 16.02 -18.42 -9.47
C VAL E 93 17.22 -17.55 -9.91
N GLN E 94 17.73 -16.81 -8.97
CA GLN E 94 18.82 -15.92 -9.23
C GLN E 94 20.08 -16.53 -8.80
N THR E 95 21.10 -16.39 -9.62
CA THR E 95 22.38 -17.09 -9.33
C THR E 95 23.58 -16.26 -9.59
N ILE E 96 24.67 -16.62 -8.91
CA ILE E 96 25.95 -15.92 -9.07
C ILE E 96 27.08 -16.95 -8.78
N PHE E 97 28.25 -16.77 -9.37
CA PHE E 97 29.31 -17.73 -9.02
C PHE E 97 29.73 -17.37 -7.65
N ALA E 98 30.00 -18.41 -6.88
CA ALA E 98 30.42 -18.20 -5.49
C ALA E 98 31.79 -17.51 -5.30
N PRO E 99 31.80 -16.41 -4.51
CA PRO E 99 33.03 -15.78 -4.12
C PRO E 99 33.72 -16.59 -3.04
N PRO E 100 34.97 -16.21 -2.66
CA PRO E 100 35.77 -17.10 -1.78
C PRO E 100 35.23 -17.28 -0.38
N SER E 103 32.81 -15.76 4.78
CA SER E 103 31.85 -15.66 5.88
C SER E 103 30.35 -15.54 5.47
N ASP E 104 29.93 -14.40 4.92
CA ASP E 104 28.50 -14.04 4.99
C ASP E 104 27.78 -13.92 3.65
N MET E 105 26.58 -14.53 3.55
CA MET E 105 25.72 -14.49 2.34
C MET E 105 24.93 -13.23 2.08
N GLU E 106 24.58 -12.52 3.13
CA GLU E 106 24.20 -11.12 2.97
C GLU E 106 25.30 -10.38 2.23
N ALA E 107 26.50 -10.30 2.79
CA ALA E 107 27.58 -9.59 2.15
C ALA E 107 27.82 -9.98 0.70
N VAL E 108 27.55 -11.22 0.35
CA VAL E 108 27.65 -11.80 -1.02
C VAL E 108 26.65 -11.20 -2.02
N TRP E 109 25.39 -11.14 -1.62
CA TRP E 109 24.41 -10.55 -2.47
C TRP E 109 24.59 -9.04 -2.62
N LYS E 110 25.04 -8.33 -1.58
CA LYS E 110 25.07 -6.88 -1.73
C LYS E 110 26.26 -6.45 -2.56
N GLU E 111 27.32 -7.28 -2.55
CA GLU E 111 28.53 -7.02 -3.31
C GLU E 111 28.42 -7.36 -4.81
N ALA E 112 27.42 -8.13 -5.19
CA ALA E 112 27.23 -8.67 -6.55
C ALA E 112 26.92 -7.64 -7.65
N LYS E 113 27.70 -7.60 -8.70
CA LYS E 113 27.54 -6.57 -9.77
C LYS E 113 26.42 -7.06 -10.69
N PRO E 114 25.69 -6.12 -11.34
CA PRO E 114 24.50 -6.62 -12.03
C PRO E 114 24.85 -7.53 -13.21
N ASP E 115 25.99 -7.25 -13.81
CA ASP E 115 26.55 -8.12 -14.86
C ASP E 115 26.86 -9.57 -14.43
N GLU E 116 26.96 -9.83 -13.14
CA GLU E 116 27.36 -11.14 -12.60
C GLU E 116 26.19 -12.06 -12.37
N LEU E 117 25.01 -11.48 -12.40
CA LEU E 117 23.88 -12.13 -11.88
C LEU E 117 23.20 -12.82 -13.03
N MET E 118 22.74 -14.02 -12.76
CA MET E 118 22.01 -14.82 -13.70
C MET E 118 20.65 -15.13 -13.10
N ASP E 119 19.65 -15.24 -13.96
CA ASP E 119 18.22 -15.46 -13.51
C ASP E 119 17.69 -16.52 -14.34
N SER E 120 16.85 -17.32 -13.76
CA SER E 120 15.96 -18.10 -14.56
C SER E 120 14.60 -17.75 -14.06
N LYS E 121 13.60 -17.79 -14.90
CA LYS E 121 12.21 -17.56 -14.52
C LYS E 121 11.46 -18.83 -14.86
N LEU E 122 10.54 -19.15 -13.99
CA LEU E 122 9.60 -20.23 -14.14
C LEU E 122 8.23 -19.72 -13.90
N ARG E 123 7.33 -20.23 -14.72
CA ARG E 123 5.91 -19.97 -14.67
C ARG E 123 5.30 -21.09 -13.84
N CYS E 124 4.36 -20.81 -12.94
CA CYS E 124 3.68 -21.91 -12.19
C CYS E 124 2.47 -22.32 -13.01
N VAL E 125 2.12 -23.63 -12.89
CA VAL E 125 0.93 -24.21 -13.59
C VAL E 125 0.21 -25.13 -12.59
N PHE E 126 -1.08 -24.83 -12.38
CA PHE E 126 -2.01 -25.65 -11.58
C PHE E 126 -2.86 -26.61 -12.50
N GLU E 127 -2.63 -27.92 -12.33
CA GLU E 127 -3.41 -29.05 -12.99
C GLU E 127 -4.26 -29.74 -11.91
N MET E 128 -5.37 -30.35 -12.30
CA MET E 128 -6.13 -31.19 -11.40
C MET E 128 -6.18 -32.62 -11.91
N GLU F 8 5.36 -35.95 28.85
CA GLU F 8 4.45 -36.04 27.66
C GLU F 8 4.67 -34.96 26.55
N GLN F 9 4.60 -35.35 25.28
CA GLN F 9 4.79 -34.41 24.19
C GLN F 9 3.81 -33.20 24.27
N ILE F 10 4.40 -32.01 24.22
CA ILE F 10 3.67 -30.75 24.36
C ILE F 10 3.10 -30.33 23.04
N LEU F 11 3.80 -30.60 21.95
CA LEU F 11 3.34 -30.24 20.65
C LEU F 11 2.22 -31.19 20.25
N VAL F 12 1.35 -30.70 19.40
CA VAL F 12 0.32 -31.50 18.73
C VAL F 12 0.76 -31.72 17.26
N LEU F 13 0.81 -32.99 16.84
CA LEU F 13 1.29 -33.40 15.52
C LEU F 13 0.13 -33.86 14.70
N ASP F 14 0.02 -33.29 13.51
CA ASP F 14 -0.84 -33.82 12.45
C ASP F 14 -0.03 -34.19 11.19
N PRO F 15 0.03 -35.50 10.85
CA PRO F 15 -0.59 -36.64 11.53
C PRO F 15 0.09 -36.97 12.86
N PRO F 16 -0.66 -37.53 13.81
CA PRO F 16 -0.07 -37.81 15.12
C PRO F 16 0.92 -39.06 15.16
N SER F 17 0.86 -39.98 14.22
CA SER F 17 1.52 -41.27 14.46
C SER F 17 1.91 -42.02 13.16
N ASP F 18 1.29 -41.75 12.01
CA ASP F 18 1.67 -42.45 10.79
C ASP F 18 1.85 -41.44 9.71
N LEU F 19 2.97 -41.51 8.98
CA LEU F 19 3.26 -40.62 7.82
C LEU F 19 3.08 -41.41 6.58
N LYS F 20 2.15 -40.98 5.74
CA LYS F 20 1.80 -41.68 4.55
C LYS F 20 2.46 -41.01 3.39
N PHE F 21 3.08 -41.84 2.55
CA PHE F 21 3.66 -41.44 1.24
C PHE F 21 3.04 -42.12 0.02
N LYS F 22 2.44 -41.32 -0.89
CA LYS F 22 1.76 -41.82 -2.09
C LYS F 22 2.64 -41.92 -3.38
N GLY F 23 2.81 -43.14 -3.88
CA GLY F 23 3.56 -43.38 -5.13
C GLY F 23 2.85 -42.92 -6.44
N PRO F 24 3.51 -43.03 -7.61
CA PRO F 24 4.80 -43.68 -7.86
C PRO F 24 6.01 -43.02 -7.10
N PHE F 25 7.15 -43.71 -7.10
CA PHE F 25 8.36 -43.29 -6.31
C PHE F 25 9.61 -43.21 -7.21
N THR F 26 9.34 -42.96 -8.49
CA THR F 26 10.38 -42.72 -9.48
C THR F 26 10.83 -41.27 -9.36
N ASP F 27 10.00 -40.45 -8.71
CA ASP F 27 10.42 -39.13 -8.23
C ASP F 27 10.27 -38.93 -6.69
N VAL F 28 10.78 -37.80 -6.18
CA VAL F 28 10.64 -37.42 -4.76
C VAL F 28 9.11 -37.23 -4.48
N VAL F 29 8.70 -37.83 -3.37
CA VAL F 29 7.38 -37.81 -2.85
C VAL F 29 7.48 -37.12 -1.45
N THR F 30 6.69 -36.07 -1.25
CA THR F 30 6.69 -35.32 -0.03
C THR F 30 5.43 -35.57 0.76
N THR F 31 5.57 -35.69 2.04
CA THR F 31 4.48 -35.60 3.00
C THR F 31 4.76 -34.57 4.05
N ASN F 32 3.69 -33.97 4.55
CA ASN F 32 3.78 -32.87 5.50
C ASN F 32 3.46 -33.29 6.93
N LEU F 33 4.28 -32.79 7.84
CA LEU F 33 4.08 -32.97 9.22
C LEU F 33 3.84 -31.62 9.87
N LYS F 34 2.60 -31.42 10.36
CA LYS F 34 2.22 -30.21 11.06
C LYS F 34 2.60 -30.33 12.56
N LEU F 35 3.34 -29.36 13.05
CA LEU F 35 3.74 -29.26 14.43
C LEU F 35 3.09 -27.98 15.00
N GLN F 36 2.12 -28.17 15.86
CA GLN F 36 1.41 -27.07 16.51
C GLN F 36 1.84 -27.01 17.95
N ASN F 37 2.26 -25.81 18.39
CA ASN F 37 2.51 -25.48 19.84
C ASN F 37 1.34 -24.79 20.51
N PRO F 38 0.47 -25.57 21.15
CA PRO F 38 -0.68 -24.95 21.84
C PRO F 38 -0.32 -24.19 23.15
N SER F 39 0.93 -24.33 23.61
CA SER F 39 1.33 -23.92 24.97
C SER F 39 1.67 -22.44 25.05
N ASP F 40 2.06 -21.99 26.24
CA ASP F 40 2.39 -20.56 26.46
C ASP F 40 3.90 -20.28 26.41
N ARG F 41 4.67 -21.21 25.85
CA ARG F 41 6.11 -21.15 25.92
C ARG F 41 6.69 -21.56 24.55
N LYS F 42 7.84 -21.04 24.19
CA LYS F 42 8.47 -21.49 22.96
C LYS F 42 8.92 -22.94 23.19
N VAL F 43 8.83 -23.69 22.11
CA VAL F 43 9.25 -25.07 21.98
C VAL F 43 10.25 -25.31 20.85
N CYS F 44 11.36 -25.93 21.22
CA CYS F 44 12.36 -26.36 20.23
C CYS F 44 12.12 -27.75 19.81
N PHE F 45 12.43 -28.01 18.57
CA PHE F 45 12.27 -29.40 17.93
C PHE F 45 13.45 -29.79 17.03
N LYS F 46 13.61 -31.08 16.93
CA LYS F 46 14.59 -31.75 16.08
C LYS F 46 13.92 -33.05 15.59
N VAL F 47 14.15 -33.32 14.33
CA VAL F 47 13.66 -34.51 13.68
C VAL F 47 14.83 -35.55 13.45
N LYS F 48 14.49 -36.78 13.79
CA LYS F 48 15.36 -37.90 13.62
C LYS F 48 14.53 -39.06 12.85
N THR F 49 15.34 -39.96 12.26
CA THR F 49 14.90 -41.07 11.47
C THR F 49 15.77 -42.23 11.56
N THR F 50 15.15 -43.39 11.40
CA THR F 50 15.85 -44.64 11.37
C THR F 50 16.52 -44.85 9.99
N ALA F 51 16.11 -44.06 9.01
CA ALA F 51 16.58 -44.20 7.60
C ALA F 51 17.02 -42.80 7.03
N PRO F 52 18.08 -42.19 7.64
CA PRO F 52 18.59 -40.88 7.24
C PRO F 52 19.03 -40.67 5.77
N ARG F 53 19.56 -41.69 5.09
CA ARG F 53 19.87 -41.58 3.63
C ARG F 53 18.63 -41.54 2.74
N ARG F 54 17.47 -41.93 3.26
CA ARG F 54 16.29 -42.14 2.40
C ARG F 54 15.35 -40.91 2.31
N TYR F 55 15.62 -39.91 3.12
CA TYR F 55 14.79 -38.77 3.32
C TYR F 55 15.58 -37.48 3.42
N CYS F 56 14.96 -36.40 2.92
N CYS F 56 14.84 -36.42 3.10
CA CYS F 56 15.33 -35.01 3.26
CA CYS F 56 15.29 -35.08 3.30
C CYS F 56 14.18 -34.46 4.11
C CYS F 56 14.16 -34.42 4.09
N VAL F 57 14.51 -33.75 5.20
CA VAL F 57 13.50 -33.17 6.05
C VAL F 57 13.76 -31.69 6.18
N ARG F 58 12.75 -30.88 5.83
CA ARG F 58 13.01 -29.43 5.82
C ARG F 58 11.80 -28.70 6.49
N PRO F 59 11.99 -27.99 7.63
CA PRO F 59 13.30 -27.86 8.39
C PRO F 59 13.51 -29.19 9.21
N ASN F 60 14.79 -29.56 9.44
CA ASN F 60 15.04 -30.67 10.32
C ASN F 60 15.11 -30.34 11.80
N SER F 61 14.99 -29.06 12.08
CA SER F 61 14.97 -28.57 13.48
C SER F 61 14.42 -27.11 13.47
N GLY F 62 14.00 -26.63 14.63
CA GLY F 62 13.67 -25.21 14.74
C GLY F 62 12.98 -24.91 16.00
N VAL F 63 12.31 -23.77 16.02
CA VAL F 63 11.64 -23.35 17.26
C VAL F 63 10.27 -22.88 16.88
N ILE F 64 9.30 -23.23 17.72
CA ILE F 64 7.89 -22.90 17.51
C ILE F 64 7.40 -22.03 18.69
N ASP F 65 6.99 -20.82 18.33
CA ASP F 65 6.51 -19.79 19.20
C ASP F 65 5.24 -20.26 19.87
N PRO F 66 4.98 -19.75 21.11
CA PRO F 66 3.73 -20.14 21.73
C PRO F 66 2.61 -19.76 20.80
N GLY F 67 1.65 -20.67 20.68
CA GLY F 67 0.52 -20.50 19.80
C GLY F 67 0.65 -20.82 18.33
N SER F 68 1.87 -21.12 17.87
CA SER F 68 2.16 -21.15 16.45
C SER F 68 2.23 -22.58 15.92
N ILE F 69 2.36 -22.64 14.63
CA ILE F 69 2.41 -23.89 13.87
C ILE F 69 3.54 -23.86 12.76
N VAL F 70 4.29 -24.93 12.68
CA VAL F 70 5.27 -25.10 11.64
C VAL F 70 4.98 -26.41 10.91
N THR F 71 5.01 -26.36 9.56
CA THR F 71 4.78 -27.59 8.79
C THR F 71 6.12 -28.07 8.24
N VAL F 72 6.48 -29.29 8.58
CA VAL F 72 7.77 -29.87 8.21
C VAL F 72 7.54 -30.66 6.90
N SER F 73 8.41 -30.45 5.91
CA SER F 73 8.37 -31.18 4.71
C SER F 73 9.28 -32.44 4.75
N VAL F 74 8.70 -33.61 4.48
CA VAL F 74 9.42 -34.91 4.59
C VAL F 74 9.43 -35.46 3.17
N MET F 75 10.60 -35.52 2.58
CA MET F 75 10.86 -35.82 1.19
C MET F 75 11.53 -37.15 1.02
N LEU F 76 10.68 -38.11 0.62
CA LEU F 76 11.14 -39.46 0.31
C LEU F 76 11.82 -39.52 -1.03
N GLN F 77 13.08 -39.91 -0.99
CA GLN F 77 13.93 -39.98 -2.07
C GLN F 77 13.51 -41.14 -3.00
N PRO F 78 13.77 -40.99 -4.29
CA PRO F 78 13.30 -42.01 -5.26
C PRO F 78 13.95 -43.34 -5.07
N PHE F 79 13.20 -44.37 -5.37
CA PHE F 79 13.65 -45.74 -5.17
C PHE F 79 12.74 -46.73 -5.93
N ASP F 80 13.27 -47.91 -6.18
CA ASP F 80 12.49 -49.12 -6.62
C ASP F 80 11.52 -49.70 -5.53
N TYR F 81 10.23 -49.36 -5.64
CA TYR F 81 9.17 -49.64 -4.65
C TYR F 81 8.71 -51.12 -4.75
N ASP F 82 8.77 -51.86 -3.63
CA ASP F 82 8.25 -53.24 -3.56
C ASP F 82 6.94 -53.17 -2.80
N PRO F 83 5.84 -53.26 -3.57
CA PRO F 83 4.56 -53.11 -2.95
C PRO F 83 4.38 -54.13 -1.88
N ASN F 84 5.15 -55.22 -1.93
CA ASN F 84 5.12 -56.31 -0.93
C ASN F 84 6.03 -56.15 0.33
N GLU F 85 6.85 -55.12 0.37
CA GLU F 85 7.74 -54.92 1.51
C GLU F 85 7.07 -53.87 2.35
N LYS F 86 6.68 -54.10 3.61
CA LYS F 86 6.14 -52.91 4.25
C LYS F 86 7.18 -52.14 5.03
N SER F 87 7.04 -50.82 5.08
CA SER F 87 8.19 -49.93 5.51
C SER F 87 8.33 -50.17 7.00
N LYS F 88 9.56 -50.16 7.40
CA LYS F 88 10.05 -50.31 8.75
C LYS F 88 10.59 -48.93 9.20
N HIS F 89 10.49 -47.95 8.31
CA HIS F 89 11.09 -46.64 8.69
C HIS F 89 10.27 -45.98 9.77
N LYS F 90 10.94 -45.26 10.67
CA LYS F 90 10.27 -44.45 11.65
C LYS F 90 10.97 -43.10 11.73
N PHE F 91 10.18 -42.18 12.28
CA PHE F 91 10.65 -40.80 12.62
C PHE F 91 10.34 -40.52 14.08
N MET F 92 11.11 -39.58 14.60
CA MET F 92 11.05 -39.16 15.90
C MET F 92 11.14 -37.64 15.85
N VAL F 93 10.21 -37.00 16.52
CA VAL F 93 10.24 -35.56 16.74
C VAL F 93 10.52 -35.36 18.22
N GLN F 94 11.70 -34.83 18.48
CA GLN F 94 12.12 -34.56 19.82
C GLN F 94 11.96 -33.12 20.12
N THR F 95 11.43 -32.82 21.29
CA THR F 95 11.15 -31.45 21.69
C THR F 95 11.60 -31.15 23.11
N ILE F 96 11.72 -29.86 23.36
CA ILE F 96 12.12 -29.34 24.65
C ILE F 96 11.56 -27.91 24.73
N PHE F 97 11.25 -27.46 25.95
CA PHE F 97 10.76 -26.07 26.03
C PHE F 97 11.95 -25.22 25.80
N ALA F 98 11.74 -24.15 25.04
CA ALA F 98 12.83 -23.24 24.76
C ALA F 98 13.40 -22.45 25.96
N PRO F 99 14.73 -22.54 26.14
CA PRO F 99 15.48 -21.75 27.08
C PRO F 99 15.62 -20.32 26.57
N PRO F 100 16.14 -19.39 27.42
CA PRO F 100 16.01 -17.97 27.06
C PRO F 100 16.68 -17.57 25.78
N SER F 103 21.68 -17.50 22.47
CA SER F 103 22.44 -17.64 21.21
C SER F 103 22.24 -18.88 20.35
N ASP F 104 22.53 -20.07 20.89
CA ASP F 104 22.95 -21.18 20.05
C ASP F 104 22.23 -22.46 20.36
N MET F 105 21.72 -23.13 19.33
CA MET F 105 20.93 -24.35 19.42
C MET F 105 21.66 -25.63 19.69
N GLU F 106 22.90 -25.68 19.26
CA GLU F 106 23.83 -26.73 19.72
C GLU F 106 23.91 -26.74 21.23
N ALA F 107 24.28 -25.62 21.84
CA ALA F 107 24.35 -25.47 23.29
C ALA F 107 23.07 -25.87 24.00
N VAL F 108 21.96 -25.65 23.33
CA VAL F 108 20.61 -25.96 23.79
C VAL F 108 20.36 -27.48 23.93
N TRP F 109 20.66 -28.21 22.88
CA TRP F 109 20.53 -29.62 22.95
C TRP F 109 21.56 -30.30 23.86
N LYS F 110 22.72 -29.71 24.14
CA LYS F 110 23.68 -30.48 24.95
C LYS F 110 23.42 -30.26 26.40
N GLU F 111 22.84 -29.09 26.72
CA GLU F 111 22.46 -28.70 28.06
C GLU F 111 21.17 -29.40 28.54
N ALA F 112 20.35 -29.87 27.63
CA ALA F 112 19.07 -30.55 27.94
C ALA F 112 19.12 -31.82 28.85
N LYS F 113 18.33 -31.85 29.91
CA LYS F 113 18.35 -32.96 30.88
C LYS F 113 17.41 -34.00 30.27
N PRO F 114 17.67 -35.31 30.49
CA PRO F 114 16.82 -36.24 29.75
C PRO F 114 15.35 -36.14 30.21
N ASP F 115 15.14 -35.80 31.47
CA ASP F 115 13.78 -35.51 31.98
C ASP F 115 13.04 -34.39 31.22
N GLU F 116 13.76 -33.51 30.54
CA GLU F 116 13.15 -32.37 29.84
C GLU F 116 12.65 -32.72 28.47
N LEU F 117 13.13 -33.83 27.96
CA LEU F 117 13.02 -34.10 26.54
C LEU F 117 11.74 -34.82 26.34
N MET F 118 11.06 -34.45 25.30
CA MET F 118 9.82 -35.07 24.91
C MET F 118 10.04 -35.61 23.48
N ASP F 119 9.37 -36.71 23.17
CA ASP F 119 9.53 -37.44 21.85
C ASP F 119 8.18 -37.70 21.36
N SER F 120 7.98 -37.63 20.08
CA SER F 120 6.94 -38.32 19.43
C SER F 120 7.56 -39.24 18.39
N LYS F 121 6.98 -40.39 18.16
CA LYS F 121 7.42 -41.30 17.11
C LYS F 121 6.31 -41.43 16.08
N LEU F 122 6.71 -41.50 14.84
CA LEU F 122 5.83 -41.77 13.73
C LEU F 122 6.41 -42.88 12.93
N ARG F 123 5.51 -43.71 12.44
CA ARG F 123 5.78 -44.82 11.59
C ARG F 123 5.53 -44.34 10.17
N CYS F 124 6.40 -44.66 9.21
CA CYS F 124 6.12 -44.31 7.78
C CYS F 124 5.25 -45.40 7.16
N VAL F 125 4.41 -44.98 6.20
CA VAL F 125 3.52 -45.88 5.45
C VAL F 125 3.55 -45.49 3.96
N PHE F 126 3.91 -46.45 3.11
CA PHE F 126 3.91 -46.29 1.67
C PHE F 126 2.57 -46.91 1.07
N GLU F 127 1.76 -46.08 0.43
CA GLU F 127 0.50 -46.47 -0.32
C GLU F 127 0.76 -46.25 -1.82
N MET F 128 -0.01 -46.90 -2.69
CA MET F 128 -0.05 -46.60 -4.15
C MET F 128 -1.46 -46.25 -4.64
N GLU G 2 -26.59 13.57 1.93
CA GLU G 2 -25.70 14.65 2.52
C GLU G 2 -24.19 14.38 2.23
N ASP G 3 -23.67 13.24 2.72
CA ASP G 3 -22.22 12.87 2.73
C ASP G 3 -21.70 12.62 1.31
N GLU G 4 -20.64 13.36 0.92
CA GLU G 4 -20.04 13.22 -0.43
C GLU G 4 -18.82 12.31 -0.12
N PHE G 5 -18.77 11.09 -0.66
CA PHE G 5 -17.64 10.19 -0.54
C PHE G 5 -16.63 10.37 -1.66
N TYR G 6 -15.31 10.43 -1.30
CA TYR G 6 -14.22 10.59 -2.30
C TYR G 6 -13.35 9.32 -2.23
N ASP G 7 -12.73 8.95 -3.31
CA ASP G 7 -11.70 7.87 -3.24
C ASP G 7 -10.66 8.22 -2.17
N ALA G 8 -10.41 7.32 -1.24
CA ALA G 8 -9.33 7.46 -0.22
C ALA G 8 -7.95 7.47 -0.88
N LEU G 9 -7.06 8.23 -0.32
CA LEU G 9 -5.74 8.25 -0.84
C LEU G 9 -4.86 7.30 0.00
N SER G 10 -3.81 6.83 -0.59
CA SER G 10 -2.91 5.83 0.02
C SER G 10 -1.49 6.40 0.33
N GLU H 2 25.46 -11.83 10.31
CA GLU H 2 24.45 -12.64 11.10
C GLU H 2 23.05 -12.48 10.44
N ASP H 3 22.53 -11.27 10.44
CA ASP H 3 21.11 -10.94 10.12
C ASP H 3 20.87 -11.13 8.60
N GLU H 4 19.89 -11.99 8.27
CA GLU H 4 19.46 -12.21 6.85
C GLU H 4 18.23 -11.32 6.65
N PHE H 5 18.32 -10.32 5.78
CA PHE H 5 17.24 -9.44 5.50
C PHE H 5 16.41 -10.01 4.27
N TYR H 6 15.07 -9.99 4.39
CA TYR H 6 14.16 -10.45 3.30
C TYR H 6 13.29 -9.22 2.84
N ASP H 7 12.86 -9.17 1.62
CA ASP H 7 11.86 -8.15 1.22
C ASP H 7 10.65 -8.21 2.16
N ALA H 8 10.27 -7.08 2.72
CA ALA H 8 9.03 -6.98 3.58
C ALA H 8 7.79 -7.26 2.72
N LEU H 9 6.78 -7.81 3.32
CA LEU H 9 5.58 -8.05 2.55
C LEU H 9 4.61 -6.91 2.91
N SER H 10 3.65 -6.67 2.05
CA SER H 10 2.69 -5.56 2.20
C SER H 10 1.26 -6.06 2.48
N GLU I 2 -3.69 0.82 -17.56
CA GLU I 2 -2.51 1.34 -16.77
C GLU I 2 -2.86 2.43 -15.73
N ASP I 3 -3.33 3.58 -16.20
CA ASP I 3 -3.63 4.84 -15.41
C ASP I 3 -4.77 4.53 -14.43
N GLU I 4 -4.50 4.75 -13.13
CA GLU I 4 -5.50 4.59 -12.04
C GLU I 4 -6.01 6.05 -11.79
N PHE I 5 -7.28 6.36 -12.09
CA PHE I 5 -7.86 7.66 -11.82
C PHE I 5 -8.51 7.74 -10.42
N TYR I 6 -8.29 8.91 -9.72
CA TYR I 6 -8.84 9.07 -8.34
C TYR I 6 -9.72 10.34 -8.42
N ASP I 7 -10.76 10.43 -7.65
CA ASP I 7 -11.51 11.71 -7.50
C ASP I 7 -10.54 12.86 -7.18
N ALA I 8 -10.57 13.91 -7.94
CA ALA I 8 -9.73 15.12 -7.62
C ALA I 8 -10.21 15.75 -6.34
N LEU I 9 -9.29 16.35 -5.63
CA LEU I 9 -9.72 17.01 -4.43
C LEU I 9 -9.80 18.51 -4.73
N SER I 10 -10.59 19.19 -3.96
CA SER I 10 -10.86 20.62 -4.09
C SER I 10 -10.14 21.53 -3.07
N GLU J 2 -17.18 54.61 1.44
CA GLU J 2 -17.16 54.67 -0.07
C GLU J 2 -17.46 53.27 -0.72
N ASP J 3 -16.56 52.31 -0.54
CA ASP J 3 -16.55 50.97 -1.21
C ASP J 3 -17.73 50.10 -0.75
N GLU J 4 -18.57 49.67 -1.69
CA GLU J 4 -19.68 48.74 -1.39
C GLU J 4 -19.15 47.32 -1.68
N PHE J 5 -19.08 46.46 -0.66
CA PHE J 5 -18.62 45.09 -0.84
C PHE J 5 -19.84 44.17 -1.03
N TYR J 6 -19.72 43.22 -1.99
CA TYR J 6 -20.78 42.26 -2.28
C TYR J 6 -20.17 40.87 -2.04
N ASP J 7 -20.97 39.91 -1.65
CA ASP J 7 -20.49 38.49 -1.66
C ASP J 7 -19.84 38.16 -3.00
N ALA J 8 -18.64 37.61 -2.98
CA ALA J 8 -17.95 37.08 -4.20
C ALA J 8 -18.69 35.88 -4.75
N LEU J 9 -18.72 35.77 -6.03
CA LEU J 9 -19.35 34.61 -6.62
C LEU J 9 -18.28 33.56 -6.94
N SER J 10 -18.71 32.33 -6.98
CA SER J 10 -17.76 31.21 -7.17
C SER J 10 -17.88 30.52 -8.55
N GLU K 2 6.63 -5.64 -15.66
CA GLU K 2 5.28 -5.97 -15.01
C GLU K 2 5.44 -6.67 -13.62
N ASP K 3 5.92 -7.89 -13.62
CA ASP K 3 5.98 -8.83 -12.47
C ASP K 3 7.02 -8.37 -11.43
N GLU K 4 6.55 -8.19 -10.16
CA GLU K 4 7.43 -7.71 -9.03
C GLU K 4 7.81 -9.03 -8.32
N PHE K 5 9.10 -9.38 -8.30
CA PHE K 5 9.59 -10.53 -7.60
C PHE K 5 10.02 -10.16 -6.15
N TYR K 6 9.60 -11.00 -5.16
CA TYR K 6 9.98 -10.79 -3.74
C TYR K 6 10.83 -12.03 -3.36
N ASP K 7 11.65 -11.88 -2.37
CA ASP K 7 12.32 -13.05 -1.76
C ASP K 7 11.25 -14.09 -1.27
N ALA K 8 11.40 -15.36 -1.69
CA ALA K 8 10.52 -16.47 -1.21
C ALA K 8 10.76 -16.67 0.27
N LEU K 9 9.74 -17.02 0.99
CA LEU K 9 9.89 -17.35 2.37
C LEU K 9 10.00 -18.86 2.53
N SER K 10 10.57 -19.26 3.65
CA SER K 10 10.86 -20.68 3.88
C SER K 10 10.00 -21.28 5.03
N GLU L 2 15.22 -51.50 19.85
CA GLU L 2 15.66 -51.97 18.47
C GLU L 2 16.04 -50.79 17.52
N ASP L 3 15.14 -49.84 17.32
CA ASP L 3 15.28 -48.73 16.33
C ASP L 3 16.40 -47.74 16.75
N GLU L 4 17.33 -47.49 15.84
CA GLU L 4 18.44 -46.55 16.08
C GLU L 4 17.97 -45.34 15.29
N PHE L 5 17.69 -44.22 15.97
CA PHE L 5 17.29 -42.98 15.31
C PHE L 5 18.55 -42.11 15.06
N TYR L 6 18.64 -41.53 13.82
CA TYR L 6 19.76 -40.63 13.46
C TYR L 6 19.17 -39.21 13.19
N ASP L 7 19.92 -38.19 13.42
CA ASP L 7 19.49 -36.85 12.94
C ASP L 7 19.10 -36.92 11.47
N ALA L 8 17.92 -36.41 11.13
CA ALA L 8 17.49 -36.29 9.70
C ALA L 8 18.37 -35.27 8.99
N LEU L 9 18.58 -35.49 7.72
CA LEU L 9 19.32 -34.57 6.91
C LEU L 9 18.34 -33.67 6.14
N SER L 10 18.78 -32.47 5.84
CA SER L 10 17.92 -31.45 5.19
C SER L 10 18.32 -31.14 3.73
#